data_9JGZ
#
_entry.id   9JGZ
#
_cell.length_a   1.00
_cell.length_b   1.00
_cell.length_c   1.00
_cell.angle_alpha   90.00
_cell.angle_beta   90.00
_cell.angle_gamma   90.00
#
_symmetry.space_group_name_H-M   'P 1'
#
loop_
_entity.id
_entity.type
_entity.pdbx_description
1 polymer 'Potassium channel subfamily K member 13'
2 non-polymer '(2S)-3-(hexadecanoyloxy)-2-[(9Z)-octadec-9-enoyloxy]propyl 2-(trimethylammonio)ethyl phosphate'
3 non-polymer 'LINOLEIC ACID'
4 non-polymer 'ARACHIDONIC ACID'
5 non-polymer '(2R)-1-(hexadecanoyloxy)-3-(phosphonooxy)propan-2-yl (9Z)-octadec-9-enoate'
6 non-polymer 'POTASSIUM ION'
#
_entity_poly.entity_id   1
_entity_poly.type   'polypeptide(L)'
_entity_poly.pdbx_seq_one_letter_code
;GPGHLNEDNARFLLLAALIVLYLLGGAAVFSALELAHERQAKQRWEERLANFSRGHNLSRDELRGFLRHYEEATRAGIRV
DNVRPRWDFTGAFYFVGTVVSTIGFGMTTPATVGGKIFLIFYGLVGCSSTILFFNLFLERLITIIAYIMKSCHQRQLRRR
GALPQESLKDAGQCEVDSLAGWKPSVYYVMLILCTASILISCCASAMYTPIEGWSYFDSLYFCFVAFSTIGFGDLVSSQN
AHYESQGLYRFANFVFILMGVCCIYSLFNVISILIKQSLNWILRKMDSGCCPQCQRGLLRSRRNVVMPGSVRNRCNISIE
TDGVAESDTDGRRLSGEMISMKDLLAANKASLAILQKQLSEMANGCPHQTSTLARDNEFSGGVGAFAIMNNRLAE
;
_entity_poly.pdbx_strand_id   A,B
#
loop_
_chem_comp.id
_chem_comp.type
_chem_comp.name
_chem_comp.formula
ACD non-polymer 'ARACHIDONIC ACID' 'C20 H32 O2'
D21 non-polymer '(2R)-1-(hexadecanoyloxy)-3-(phosphonooxy)propan-2-yl (9Z)-octadec-9-enoate' 'C37 H71 O8 P'
EIC non-polymer 'LINOLEIC ACID' 'C18 H32 O2'
K non-polymer 'POTASSIUM ION' 'K 1'
POV non-polymer '(2S)-3-(hexadecanoyloxy)-2-[(9Z)-octadec-9-enoyloxy]propyl 2-(trimethylammonio)ethyl phosphate' 'C42 H82 N O8 P'
#
# COMPACT_ATOMS: atom_id res chain seq x y z
N GLY A 1 28.19 -6.73 -26.19
CA GLY A 1 29.17 -6.77 -25.13
C GLY A 1 28.59 -7.05 -23.77
N PRO A 2 29.05 -8.12 -23.11
CA PRO A 2 28.52 -8.44 -21.77
C PRO A 2 28.80 -7.37 -20.74
N GLY A 3 29.83 -6.56 -20.93
CA GLY A 3 30.17 -5.52 -19.97
C GLY A 3 30.90 -5.99 -18.73
N HIS A 4 31.40 -7.23 -18.74
CA HIS A 4 32.16 -7.80 -17.61
C HIS A 4 31.42 -7.61 -16.28
N LEU A 5 30.11 -7.53 -16.32
CA LEU A 5 29.28 -7.52 -15.13
C LEU A 5 28.43 -8.78 -15.08
N ASN A 6 28.11 -9.22 -13.87
CA ASN A 6 27.36 -10.45 -13.71
C ASN A 6 25.93 -10.28 -14.20
N GLU A 7 25.25 -11.42 -14.36
CA GLU A 7 23.89 -11.40 -14.90
C GLU A 7 22.94 -10.64 -13.99
N ASP A 8 23.12 -10.78 -12.67
CA ASP A 8 22.14 -10.21 -11.74
C ASP A 8 22.19 -8.70 -11.71
N ASN A 9 23.40 -8.11 -11.76
CA ASN A 9 23.50 -6.65 -11.80
C ASN A 9 22.88 -6.10 -13.08
N ALA A 10 23.13 -6.78 -14.20
CA ALA A 10 22.52 -6.34 -15.46
C ALA A 10 21.00 -6.44 -15.39
N ARG A 11 20.48 -7.51 -14.76
CA ARG A 11 19.04 -7.62 -14.58
C ARG A 11 18.49 -6.48 -13.75
N PHE A 12 19.19 -6.15 -12.66
CA PHE A 12 18.75 -5.03 -11.82
C PHE A 12 18.72 -3.72 -12.59
N LEU A 13 19.79 -3.44 -13.33
CA LEU A 13 19.86 -2.19 -14.08
C LEU A 13 18.78 -2.14 -15.16
N LEU A 14 18.58 -3.25 -15.87
CA LEU A 14 17.55 -3.28 -16.91
C LEU A 14 16.17 -3.08 -16.32
N LEU A 15 15.89 -3.71 -15.17
CA LEU A 15 14.60 -3.52 -14.53
C LEU A 15 14.39 -2.09 -14.10
N ALA A 16 15.44 -1.46 -13.55
CA ALA A 16 15.32 -0.06 -13.15
C ALA A 16 15.03 0.84 -14.34
N ALA A 17 15.75 0.63 -15.45
CA ALA A 17 15.53 1.45 -16.64
C ALA A 17 14.12 1.22 -17.20
N LEU A 18 13.68 -0.03 -17.24
CA LEU A 18 12.34 -0.32 -17.75
C LEU A 18 11.27 0.31 -16.87
N ILE A 19 11.46 0.29 -15.56
CA ILE A 19 10.49 0.90 -14.66
C ILE A 19 10.46 2.41 -14.84
N VAL A 20 11.63 3.02 -15.06
CA VAL A 20 11.67 4.47 -15.31
C VAL A 20 10.91 4.81 -16.59
N LEU A 21 11.16 4.05 -17.65
CA LEU A 21 10.44 4.29 -18.90
C LEU A 21 8.95 4.09 -18.72
N TYR A 22 8.56 3.04 -17.98
CA TYR A 22 7.16 2.79 -17.70
C TYR A 22 6.51 3.94 -16.96
N LEU A 23 7.21 4.48 -15.95
CA LEU A 23 6.70 5.62 -15.20
C LEU A 23 6.51 6.83 -16.11
N LEU A 24 7.50 7.12 -16.95
CA LEU A 24 7.37 8.27 -17.86
C LEU A 24 6.19 8.10 -18.79
N GLY A 25 6.06 6.92 -19.41
CA GLY A 25 4.96 6.68 -20.32
C GLY A 25 3.60 6.77 -19.64
N GLY A 26 3.49 6.18 -18.45
CA GLY A 26 2.23 6.23 -17.73
C GLY A 26 1.86 7.64 -17.31
N ALA A 27 2.85 8.43 -16.89
CA ALA A 27 2.59 9.83 -16.55
C ALA A 27 2.07 10.58 -17.78
N ALA A 28 2.73 10.41 -18.92
CA ALA A 28 2.28 11.08 -20.13
C ALA A 28 0.84 10.68 -20.47
N VAL A 29 0.55 9.38 -20.39
CA VAL A 29 -0.78 8.90 -20.76
C VAL A 29 -1.84 9.45 -19.83
N PHE A 30 -1.58 9.40 -18.52
CA PHE A 30 -2.57 9.88 -17.55
C PHE A 30 -2.81 11.38 -17.71
N SER A 31 -1.74 12.15 -17.90
CA SER A 31 -1.91 13.58 -18.10
C SER A 31 -2.75 13.86 -19.33
N ALA A 32 -2.35 13.30 -20.48
CA ALA A 32 -3.13 13.50 -21.70
C ALA A 32 -4.54 12.95 -21.58
N LEU A 33 -4.78 12.05 -20.63
CA LEU A 33 -6.09 11.45 -20.50
C LEU A 33 -7.04 12.31 -19.68
N GLU A 34 -6.55 12.99 -18.63
CA GLU A 34 -7.52 13.68 -17.78
C GLU A 34 -7.11 15.08 -17.34
N LEU A 35 -6.13 15.72 -17.99
CA LEU A 35 -5.87 17.12 -17.67
C LEU A 35 -7.07 18.00 -18.01
N ALA A 36 -7.78 17.67 -19.09
CA ALA A 36 -8.95 18.45 -19.47
C ALA A 36 -10.05 18.33 -18.43
N HIS A 37 -10.29 17.11 -17.92
CA HIS A 37 -11.30 16.94 -16.88
C HIS A 37 -10.89 17.67 -15.61
N GLU A 38 -9.60 17.61 -15.26
CA GLU A 38 -9.11 18.41 -14.14
C GLU A 38 -9.47 19.88 -14.30
N ARG A 39 -9.12 20.45 -15.45
CA ARG A 39 -9.33 21.87 -15.67
C ARG A 39 -10.80 22.22 -15.64
N GLN A 40 -11.64 21.37 -16.24
CA GLN A 40 -13.08 21.62 -16.23
C GLN A 40 -13.63 21.61 -14.81
N ALA A 41 -13.20 20.65 -13.99
CA ALA A 41 -13.67 20.58 -12.61
C ALA A 41 -13.21 21.80 -11.81
N LYS A 42 -11.96 22.22 -12.01
CA LYS A 42 -11.46 23.41 -11.33
C LYS A 42 -12.27 24.64 -11.72
N GLN A 43 -12.56 24.79 -13.01
CA GLN A 43 -13.32 25.93 -13.47
C GLN A 43 -14.74 25.90 -12.92
N ARG A 44 -15.33 24.71 -12.84
CA ARG A 44 -16.67 24.58 -12.25
C ARG A 44 -16.66 24.98 -10.79
N TRP A 45 -15.64 24.55 -10.04
CA TRP A 45 -15.55 24.95 -8.63
C TRP A 45 -15.41 26.46 -8.50
N GLU A 46 -14.59 27.07 -9.36
CA GLU A 46 -14.42 28.52 -9.29
C GLU A 46 -15.74 29.22 -9.57
N GLU A 47 -16.48 28.76 -10.58
CA GLU A 47 -17.79 29.34 -10.87
C GLU A 47 -18.73 29.21 -9.68
N ARG A 48 -18.76 28.03 -9.05
CA ARG A 48 -19.64 27.83 -7.90
C ARG A 48 -19.25 28.74 -6.74
N LEU A 49 -17.94 28.87 -6.49
CA LEU A 49 -17.49 29.74 -5.41
C LEU A 49 -17.87 31.19 -5.68
N ALA A 50 -17.68 31.66 -6.92
CA ALA A 50 -18.05 33.03 -7.25
C ALA A 50 -19.55 33.26 -7.10
N ASN A 51 -20.35 32.29 -7.57
CA ASN A 51 -21.80 32.42 -7.45
C ASN A 51 -22.23 32.47 -5.99
N PHE A 52 -21.64 31.61 -5.14
CA PHE A 52 -21.98 31.62 -3.73
C PHE A 52 -21.56 32.93 -3.06
N SER A 53 -20.39 33.44 -3.42
CA SER A 53 -19.93 34.70 -2.85
C SER A 53 -20.85 35.85 -3.24
N ARG A 54 -21.30 35.87 -4.50
CA ARG A 54 -22.19 36.94 -4.94
C ARG A 54 -23.56 36.82 -4.30
N GLY A 55 -24.09 35.59 -4.19
CA GLY A 55 -25.46 35.40 -3.74
C GLY A 55 -25.72 35.59 -2.27
N HIS A 56 -24.67 35.67 -1.45
CA HIS A 56 -24.85 35.83 -0.01
C HIS A 56 -23.97 36.94 0.57
N ASN A 57 -23.28 37.70 -0.27
CA ASN A 57 -22.52 38.88 0.14
C ASN A 57 -21.45 38.53 1.18
N LEU A 58 -20.49 37.71 0.75
CA LEU A 58 -19.29 37.46 1.53
C LEU A 58 -18.07 37.63 0.63
N SER A 59 -17.01 38.19 1.19
CA SER A 59 -15.76 38.35 0.46
C SER A 59 -15.06 36.99 0.39
N ARG A 60 -13.82 36.98 -0.08
CA ARG A 60 -13.07 35.74 -0.17
C ARG A 60 -12.33 35.38 1.10
N ASP A 61 -12.12 36.34 2.02
CA ASP A 61 -11.38 36.05 3.24
C ASP A 61 -12.20 35.18 4.19
N GLU A 62 -13.46 35.55 4.44
CA GLU A 62 -14.31 34.75 5.31
C GLU A 62 -14.55 33.38 4.72
N LEU A 63 -14.76 33.30 3.41
CA LEU A 63 -14.95 32.01 2.77
C LEU A 63 -13.69 31.16 2.85
N ARG A 64 -12.52 31.79 2.70
CA ARG A 64 -11.26 31.07 2.85
C ARG A 64 -11.12 30.50 4.26
N GLY A 65 -11.43 31.31 5.27
CA GLY A 65 -11.35 30.82 6.64
C GLY A 65 -12.33 29.70 6.91
N PHE A 66 -13.55 29.83 6.40
CA PHE A 66 -14.55 28.78 6.56
C PHE A 66 -14.11 27.48 5.90
N LEU A 67 -13.53 27.58 4.70
CA LEU A 67 -13.06 26.39 4.00
C LEU A 67 -11.86 25.76 4.69
N ARG A 68 -10.98 26.58 5.29
CA ARG A 68 -9.88 26.02 6.06
C ARG A 68 -10.40 25.28 7.30
N HIS A 69 -11.38 25.87 7.98
CA HIS A 69 -11.99 25.20 9.12
C HIS A 69 -12.63 23.88 8.69
N TYR A 70 -13.30 23.88 7.54
CA TYR A 70 -13.91 22.65 7.05
C TYR A 70 -12.87 21.62 6.64
N GLU A 71 -11.73 22.05 6.12
CA GLU A 71 -10.65 21.10 5.84
C GLU A 71 -10.13 20.47 7.12
N GLU A 72 -9.97 21.27 8.17
CA GLU A 72 -9.58 20.71 9.46
C GLU A 72 -10.62 19.72 9.95
N ALA A 73 -11.90 20.05 9.80
CA ALA A 73 -12.97 19.13 10.21
C ALA A 73 -12.90 17.82 9.45
N THR A 74 -12.70 17.89 8.12
CA THR A 74 -12.60 16.68 7.32
C THR A 74 -11.40 15.84 7.75
N ARG A 75 -10.26 16.49 7.99
CA ARG A 75 -9.11 15.77 8.51
C ARG A 75 -9.44 15.13 9.86
N ALA A 76 -10.37 15.73 10.60
CA ALA A 76 -10.85 15.12 11.84
C ALA A 76 -11.90 14.03 11.61
N GLY A 77 -12.39 13.88 10.38
CA GLY A 77 -13.36 12.85 10.07
C GLY A 77 -14.79 13.35 10.01
N ILE A 78 -14.99 14.49 9.35
CA ILE A 78 -16.31 15.09 9.20
C ILE A 78 -16.64 15.17 7.71
N ARG A 79 -17.85 14.74 7.35
CA ARG A 79 -18.32 14.79 5.99
C ARG A 79 -19.67 15.51 5.93
N VAL A 80 -20.00 16.03 4.75
CA VAL A 80 -21.25 16.76 4.60
C VAL A 80 -22.44 15.85 4.86
N ASP A 81 -22.36 14.61 4.40
CA ASP A 81 -23.41 13.63 4.66
C ASP A 81 -23.05 12.80 5.90
N ASN A 82 -24.01 11.99 6.35
CA ASN A 82 -23.82 11.21 7.56
C ASN A 82 -22.71 10.19 7.37
N VAL A 83 -21.85 10.07 8.39
CA VAL A 83 -20.75 9.11 8.38
C VAL A 83 -20.65 8.48 9.76
N ARG A 84 -20.19 7.24 9.80
CA ARG A 84 -20.06 6.51 11.05
C ARG A 84 -18.99 7.14 11.93
N PRO A 85 -19.05 6.89 13.25
CA PRO A 85 -18.00 7.39 14.14
C PRO A 85 -16.63 6.91 13.67
N ARG A 86 -15.67 7.83 13.71
CA ARG A 86 -14.37 7.55 13.10
C ARG A 86 -13.46 6.71 13.98
N TRP A 87 -13.55 6.85 15.31
CA TRP A 87 -12.62 6.18 16.21
C TRP A 87 -13.33 5.38 17.28
N ASP A 88 -14.55 4.91 17.00
CA ASP A 88 -15.15 3.90 17.86
C ASP A 88 -14.44 2.57 17.62
N PHE A 89 -14.85 1.53 18.35
CA PHE A 89 -14.15 0.26 18.25
C PHE A 89 -14.23 -0.31 16.83
N THR A 90 -15.40 -0.22 16.20
CA THR A 90 -15.52 -0.70 14.83
C THR A 90 -14.70 0.15 13.87
N GLY A 91 -14.75 1.47 14.03
CA GLY A 91 -13.92 2.32 13.20
C GLY A 91 -12.44 2.08 13.41
N ALA A 92 -12.03 1.86 14.66
CA ALA A 92 -10.64 1.54 14.93
C ALA A 92 -10.25 0.21 14.32
N PHE A 93 -11.16 -0.77 14.33
CA PHE A 93 -10.89 -2.04 13.68
C PHE A 93 -10.70 -1.85 12.18
N TYR A 94 -11.56 -1.04 11.56
CA TYR A 94 -11.37 -0.73 10.14
C TYR A 94 -10.02 -0.08 9.90
N PHE A 95 -9.65 0.88 10.76
CA PHE A 95 -8.39 1.59 10.59
C PHE A 95 -7.19 0.64 10.69
N VAL A 96 -7.19 -0.22 11.71
CA VAL A 96 -6.07 -1.13 11.88
C VAL A 96 -6.04 -2.16 10.76
N GLY A 97 -7.20 -2.55 10.24
CA GLY A 97 -7.21 -3.42 9.08
C GLY A 97 -6.60 -2.76 7.86
N THR A 98 -6.88 -1.48 7.66
CA THR A 98 -6.27 -0.75 6.56
C THR A 98 -4.76 -0.61 6.76
N VAL A 99 -4.33 -0.36 7.99
CA VAL A 99 -2.91 -0.20 8.26
C VAL A 99 -2.18 -1.54 8.12
N VAL A 100 -2.76 -2.61 8.66
CA VAL A 100 -2.09 -3.90 8.71
C VAL A 100 -1.84 -4.43 7.30
N SER A 101 -2.78 -4.21 6.39
CA SER A 101 -2.65 -4.68 5.01
C SER A 101 -1.96 -3.68 4.11
N THR A 102 -1.42 -2.59 4.67
CA THR A 102 -0.76 -1.53 3.91
C THR A 102 -1.68 -0.88 2.88
N ILE A 103 -2.99 -0.98 3.07
CA ILE A 103 -3.93 -0.32 2.18
C ILE A 103 -3.94 1.18 2.44
N GLY A 104 -4.21 1.57 3.68
CA GLY A 104 -4.20 2.97 4.07
C GLY A 104 -5.15 3.82 3.26
N PHE A 105 -6.45 3.62 3.45
CA PHE A 105 -7.44 4.39 2.72
C PHE A 105 -7.29 5.88 3.02
N GLY A 106 -7.07 6.23 4.28
CA GLY A 106 -6.87 7.60 4.69
C GLY A 106 -8.08 8.28 5.31
N MET A 107 -9.25 7.66 5.24
CA MET A 107 -10.43 8.25 5.88
C MET A 107 -10.27 8.32 7.38
N THR A 108 -9.49 7.41 7.97
CA THR A 108 -9.22 7.40 9.40
C THR A 108 -7.70 7.49 9.58
N THR A 109 -7.23 8.60 10.14
CA THR A 109 -5.81 8.79 10.37
C THR A 109 -5.57 9.27 11.79
N PRO A 110 -4.48 8.84 12.41
CA PRO A 110 -4.19 9.33 13.77
C PRO A 110 -3.90 10.82 13.78
N ALA A 111 -4.28 11.46 14.90
CA ALA A 111 -4.10 12.89 15.06
C ALA A 111 -3.45 13.27 16.38
N THR A 112 -2.85 12.30 17.09
CA THR A 112 -2.18 12.55 18.35
C THR A 112 -0.79 11.96 18.30
N VAL A 113 0.13 12.56 19.08
CA VAL A 113 1.52 12.13 19.05
C VAL A 113 1.64 10.66 19.48
N GLY A 114 1.01 10.31 20.59
CA GLY A 114 0.99 8.92 21.00
C GLY A 114 0.33 8.03 19.98
N GLY A 115 -0.75 8.52 19.37
CA GLY A 115 -1.37 7.78 18.29
C GLY A 115 -0.42 7.49 17.15
N LYS A 116 0.38 8.50 16.76
CA LYS A 116 1.29 8.32 15.65
C LYS A 116 2.45 7.38 16.01
N ILE A 117 2.95 7.47 17.24
CA ILE A 117 4.03 6.57 17.66
C ILE A 117 3.55 5.12 17.69
N PHE A 118 2.38 4.90 18.29
CA PHE A 118 1.81 3.57 18.29
C PHE A 118 1.50 3.11 16.87
N LEU A 119 1.10 4.04 15.99
CA LEU A 119 0.90 3.68 14.60
C LEU A 119 2.19 3.18 13.99
N ILE A 120 3.30 3.88 14.23
CA ILE A 120 4.58 3.45 13.68
C ILE A 120 4.90 2.02 14.12
N PHE A 121 4.88 1.79 15.43
CA PHE A 121 5.31 0.47 15.93
C PHE A 121 4.34 -0.63 15.53
N TYR A 122 3.04 -0.41 15.77
CA TYR A 122 2.02 -1.38 15.43
C TYR A 122 2.01 -1.69 13.94
N GLY A 123 2.16 -0.66 13.10
CA GLY A 123 2.21 -0.89 11.66
C GLY A 123 3.41 -1.69 11.25
N LEU A 124 4.58 -1.38 11.81
CA LEU A 124 5.76 -2.20 11.54
C LEU A 124 5.47 -3.68 11.80
N VAL A 125 5.07 -4.00 13.04
CA VAL A 125 4.91 -5.41 13.42
C VAL A 125 3.80 -6.05 12.60
N GLY A 126 2.66 -5.36 12.48
CA GLY A 126 1.51 -5.94 11.80
C GLY A 126 1.73 -6.12 10.31
N CYS A 127 2.40 -5.17 9.67
CA CYS A 127 2.70 -5.31 8.25
C CYS A 127 3.66 -6.46 8.00
N SER A 128 4.66 -6.63 8.88
CA SER A 128 5.51 -7.81 8.77
C SER A 128 4.69 -9.08 8.87
N SER A 129 3.84 -9.17 9.89
CA SER A 129 3.02 -10.36 10.07
C SER A 129 2.11 -10.60 8.87
N THR A 130 1.60 -9.52 8.28
CA THR A 130 0.65 -9.64 7.18
C THR A 130 1.35 -10.06 5.89
N ILE A 131 2.55 -9.57 5.65
CA ILE A 131 3.32 -10.03 4.51
C ILE A 131 3.61 -11.52 4.66
N LEU A 132 3.98 -11.94 5.88
CA LEU A 132 4.18 -13.36 6.13
C LEU A 132 2.91 -14.15 5.88
N PHE A 133 1.77 -13.62 6.31
CA PHE A 133 0.49 -14.31 6.11
C PHE A 133 0.16 -14.44 4.63
N PHE A 134 0.42 -13.39 3.84
CA PHE A 134 0.15 -13.46 2.42
C PHE A 134 1.04 -14.49 1.73
N ASN A 135 2.33 -14.53 2.11
CA ASN A 135 3.21 -15.54 1.53
C ASN A 135 2.76 -16.95 1.91
N LEU A 136 2.37 -17.15 3.17
CA LEU A 136 1.90 -18.47 3.60
C LEU A 136 0.62 -18.85 2.86
N PHE A 137 -0.28 -17.90 2.66
CA PHE A 137 -1.51 -18.18 1.92
C PHE A 137 -1.21 -18.56 0.48
N LEU A 138 -0.27 -17.87 -0.15
CA LEU A 138 0.11 -18.23 -1.52
C LEU A 138 0.66 -19.65 -1.58
N GLU A 139 1.55 -19.99 -0.63
CA GLU A 139 2.09 -21.35 -0.60
C GLU A 139 1.00 -22.38 -0.40
N ARG A 140 0.06 -22.10 0.52
CA ARG A 140 -1.03 -23.04 0.79
C ARG A 140 -1.92 -23.21 -0.42
N LEU A 141 -2.23 -22.12 -1.13
CA LEU A 141 -3.05 -22.21 -2.33
C LEU A 141 -2.34 -23.01 -3.41
N ILE A 142 -1.02 -22.83 -3.56
CA ILE A 142 -0.27 -23.61 -4.53
C ILE A 142 -0.33 -25.09 -4.19
N THR A 143 -0.17 -25.41 -2.91
CA THR A 143 -0.26 -26.81 -2.50
C THR A 143 -1.65 -27.38 -2.77
N ILE A 144 -2.69 -26.59 -2.51
CA ILE A 144 -4.06 -27.05 -2.75
C ILE A 144 -4.26 -27.33 -4.23
N ILE A 145 -3.76 -26.43 -5.09
CA ILE A 145 -3.91 -26.62 -6.54
C ILE A 145 -3.17 -27.88 -6.97
N ALA A 146 -1.99 -28.11 -6.42
CA ALA A 146 -1.25 -29.33 -6.74
C ALA A 146 -2.04 -30.57 -6.34
N TYR A 147 -2.60 -30.57 -5.14
CA TYR A 147 -3.36 -31.73 -4.67
C TYR A 147 -4.58 -31.97 -5.55
N ILE A 148 -5.29 -30.89 -5.90
CA ILE A 148 -6.49 -31.02 -6.73
C ILE A 148 -6.12 -31.55 -8.11
N MET A 149 -5.02 -31.06 -8.67
CA MET A 149 -4.59 -31.53 -9.98
C MET A 149 -4.21 -33.01 -9.93
N LYS A 150 -3.52 -33.43 -8.87
CA LYS A 150 -3.21 -34.84 -8.71
C LYS A 150 -4.47 -35.69 -8.63
N SER A 151 -5.43 -35.26 -7.82
CA SER A 151 -6.67 -36.03 -7.68
C SER A 151 -7.41 -36.11 -9.01
N CYS A 152 -7.48 -35.00 -9.73
CA CYS A 152 -8.17 -35.01 -11.03
C CYS A 152 -7.47 -35.91 -12.02
N HIS A 153 -6.14 -35.87 -12.05
CA HIS A 153 -5.40 -36.74 -12.98
C HIS A 153 -5.62 -38.21 -12.64
N GLN A 154 -5.59 -38.55 -11.35
CA GLN A 154 -5.79 -39.95 -10.97
C GLN A 154 -7.21 -40.40 -11.28
N ARG A 155 -8.20 -39.52 -11.09
CA ARG A 155 -9.56 -39.87 -11.45
C ARG A 155 -9.69 -40.07 -12.95
N GLN A 156 -9.08 -39.19 -13.75
CA GLN A 156 -9.18 -39.30 -15.20
C GLN A 156 -8.53 -40.59 -15.70
N LEU A 157 -7.36 -40.94 -15.15
CA LEU A 157 -6.73 -42.19 -15.56
C LEU A 157 -7.45 -43.41 -15.03
N ARG A 158 -8.17 -43.29 -13.91
CA ARG A 158 -8.96 -44.41 -13.41
C ARG A 158 -10.20 -44.64 -14.28
N ARG A 159 -10.84 -43.57 -14.72
CA ARG A 159 -12.03 -43.69 -15.56
C ARG A 159 -11.66 -44.21 -16.95
N LEU A 179 1.12 -32.85 -3.12
CA LEU A 179 2.38 -33.57 -3.29
C LEU A 179 3.30 -32.81 -4.24
N ALA A 180 4.61 -33.02 -4.10
CA ALA A 180 5.58 -32.28 -4.88
C ALA A 180 5.85 -32.89 -6.25
N GLY A 181 5.16 -33.97 -6.64
CA GLY A 181 5.46 -34.63 -7.89
C GLY A 181 5.00 -33.89 -9.15
N TRP A 182 3.72 -33.96 -9.48
CA TRP A 182 3.17 -33.12 -10.54
C TRP A 182 2.53 -31.86 -9.94
N LYS A 183 3.39 -30.87 -9.84
CA LYS A 183 3.06 -29.54 -9.40
C LYS A 183 2.55 -28.67 -10.55
N PRO A 184 1.65 -27.74 -10.26
CA PRO A 184 1.23 -26.78 -11.28
C PRO A 184 2.37 -25.85 -11.68
N SER A 185 2.29 -25.35 -12.92
CA SER A 185 3.27 -24.43 -13.45
C SER A 185 2.92 -22.99 -13.08
N VAL A 186 3.79 -22.07 -13.48
CA VAL A 186 3.57 -20.64 -13.20
C VAL A 186 2.36 -20.13 -13.99
N TYR A 187 2.27 -20.52 -15.27
CA TYR A 187 1.15 -20.05 -16.08
C TYR A 187 -0.19 -20.49 -15.51
N TYR A 188 -0.29 -21.76 -15.09
CA TYR A 188 -1.55 -22.25 -14.54
C TYR A 188 -1.92 -21.51 -13.26
N VAL A 189 -0.96 -21.35 -12.35
CA VAL A 189 -1.25 -20.64 -11.10
C VAL A 189 -1.66 -19.20 -11.38
N MET A 190 -1.00 -18.56 -12.36
CA MET A 190 -1.35 -17.20 -12.72
C MET A 190 -2.77 -17.13 -13.26
N LEU A 191 -3.16 -18.09 -14.10
CA LEU A 191 -4.51 -18.09 -14.64
C LEU A 191 -5.55 -18.30 -13.54
N ILE A 192 -5.28 -19.24 -12.62
CA ILE A 192 -6.21 -19.48 -11.52
C ILE A 192 -6.34 -18.23 -10.65
N LEU A 193 -5.21 -17.57 -10.36
CA LEU A 193 -5.27 -16.36 -9.54
C LEU A 193 -6.02 -15.26 -10.27
N CYS A 194 -5.84 -15.15 -11.58
CA CYS A 194 -6.56 -14.13 -12.35
C CYS A 194 -8.06 -14.36 -12.30
N THR A 195 -8.50 -15.59 -12.55
CA THR A 195 -9.94 -15.84 -12.54
C THR A 195 -10.51 -15.71 -11.13
N ALA A 196 -9.75 -16.11 -10.11
CA ALA A 196 -10.22 -15.94 -8.74
C ALA A 196 -10.38 -14.46 -8.40
N SER A 197 -9.40 -13.63 -8.79
CA SER A 197 -9.50 -12.20 -8.54
C SER A 197 -10.68 -11.59 -9.28
N ILE A 198 -10.91 -12.03 -10.53
CA ILE A 198 -12.04 -11.52 -11.30
C ILE A 198 -13.35 -11.88 -10.59
N LEU A 199 -13.48 -13.13 -10.14
CA LEU A 199 -14.69 -13.56 -9.47
C LEU A 199 -14.92 -12.79 -8.17
N ILE A 200 -13.85 -12.61 -7.38
CA ILE A 200 -13.97 -11.90 -6.11
C ILE A 200 -14.38 -10.45 -6.36
N SER A 201 -13.75 -9.80 -7.34
CA SER A 201 -14.11 -8.42 -7.67
C SER A 201 -15.54 -8.33 -8.14
N CYS A 202 -15.99 -9.28 -8.96
CA CYS A 202 -17.36 -9.25 -9.46
C CYS A 202 -18.36 -9.40 -8.31
N CYS A 203 -18.11 -10.34 -7.40
CA CYS A 203 -19.02 -10.52 -6.27
C CYS A 203 -19.03 -9.30 -5.35
N ALA A 204 -17.84 -8.75 -5.06
CA ALA A 204 -17.77 -7.58 -4.20
C ALA A 204 -18.49 -6.39 -4.83
N SER A 205 -18.31 -6.20 -6.14
CA SER A 205 -19.02 -5.12 -6.82
C SER A 205 -20.53 -5.37 -6.81
N ALA A 206 -20.94 -6.62 -6.98
CA ALA A 206 -22.37 -6.94 -6.94
C ALA A 206 -22.96 -6.60 -5.59
N MET A 207 -22.19 -6.77 -4.52
CA MET A 207 -22.69 -6.37 -3.21
C MET A 207 -22.67 -4.85 -3.03
N TYR A 208 -21.59 -4.21 -3.49
CA TYR A 208 -21.39 -2.79 -3.21
C TYR A 208 -22.34 -1.91 -4.01
N THR A 209 -22.67 -2.29 -5.24
CA THR A 209 -23.45 -1.43 -6.12
C THR A 209 -24.80 -1.04 -5.51
N PRO A 210 -25.63 -1.97 -5.01
CA PRO A 210 -26.93 -1.56 -4.46
C PRO A 210 -26.87 -1.07 -3.03
N ILE A 211 -25.74 -1.21 -2.34
CA ILE A 211 -25.63 -0.82 -0.94
C ILE A 211 -25.01 0.57 -0.84
N GLU A 212 -23.78 0.71 -1.35
CA GLU A 212 -23.08 1.99 -1.26
C GLU A 212 -23.60 3.01 -2.26
N GLY A 213 -24.40 2.58 -3.24
CA GLY A 213 -24.93 3.50 -4.23
C GLY A 213 -24.01 3.81 -5.38
N TRP A 214 -22.81 3.24 -5.40
CA TRP A 214 -21.89 3.48 -6.51
C TRP A 214 -22.38 2.78 -7.77
N SER A 215 -21.80 3.18 -8.90
CA SER A 215 -22.01 2.44 -10.13
C SER A 215 -21.21 1.14 -10.11
N TYR A 216 -21.59 0.21 -10.98
CA TYR A 216 -20.90 -1.08 -11.03
C TYR A 216 -19.44 -0.90 -11.41
N PHE A 217 -19.16 -0.04 -12.39
CA PHE A 217 -17.78 0.22 -12.77
C PHE A 217 -17.01 0.89 -11.64
N ASP A 218 -17.66 1.81 -10.93
CA ASP A 218 -17.03 2.42 -9.76
C ASP A 218 -16.73 1.36 -8.70
N SER A 219 -17.65 0.41 -8.51
CA SER A 219 -17.41 -0.66 -7.55
C SER A 219 -16.21 -1.52 -7.96
N LEU A 220 -16.11 -1.84 -9.26
CA LEU A 220 -14.97 -2.62 -9.72
C LEU A 220 -13.66 -1.84 -9.53
N TYR A 221 -13.69 -0.55 -9.82
CA TYR A 221 -12.49 0.27 -9.62
C TYR A 221 -12.07 0.30 -8.16
N PHE A 222 -13.04 0.47 -7.25
CA PHE A 222 -12.72 0.44 -5.84
C PHE A 222 -12.19 -0.92 -5.42
N CYS A 223 -12.77 -1.99 -5.96
CA CYS A 223 -12.29 -3.33 -5.64
C CYS A 223 -10.84 -3.51 -6.04
N PHE A 224 -10.48 -3.06 -7.24
CA PHE A 224 -9.08 -3.17 -7.66
C PHE A 224 -8.18 -2.30 -6.78
N VAL A 225 -8.63 -1.09 -6.45
CA VAL A 225 -7.81 -0.19 -5.64
C VAL A 225 -7.55 -0.79 -4.27
N ALA A 226 -8.58 -1.37 -3.65
CA ALA A 226 -8.42 -1.92 -2.31
C ALA A 226 -7.62 -3.22 -2.33
N PHE A 227 -7.88 -4.08 -3.32
CA PHE A 227 -7.19 -5.36 -3.37
C PHE A 227 -5.70 -5.19 -3.61
N SER A 228 -5.33 -4.26 -4.50
CA SER A 228 -3.92 -4.02 -4.81
C SER A 228 -3.20 -3.29 -3.70
N THR A 229 -3.85 -3.04 -2.56
CA THR A 229 -3.26 -2.34 -1.42
C THR A 229 -2.85 -0.92 -1.77
N ILE A 230 -3.31 -0.40 -2.90
CA ILE A 230 -3.03 1.00 -3.24
C ILE A 230 -3.79 1.93 -2.30
N GLY A 231 -5.09 1.69 -2.13
CA GLY A 231 -5.91 2.45 -1.21
C GLY A 231 -5.87 3.95 -1.45
N PHE A 232 -6.45 4.40 -2.57
CA PHE A 232 -6.48 5.83 -2.86
C PHE A 232 -7.25 6.58 -1.78
N GLY A 233 -8.39 6.06 -1.37
CA GLY A 233 -9.24 6.70 -0.38
C GLY A 233 -10.38 7.50 -0.96
N ASP A 234 -10.43 7.68 -2.27
CA ASP A 234 -11.57 8.37 -2.88
C ASP A 234 -12.86 7.60 -2.66
N LEU A 235 -12.80 6.27 -2.76
CA LEU A 235 -13.93 5.40 -2.48
C LEU A 235 -13.57 4.46 -1.34
N VAL A 236 -14.33 4.53 -0.25
CA VAL A 236 -14.15 3.65 0.89
C VAL A 236 -15.49 3.02 1.22
N SER A 237 -15.51 1.70 1.36
CA SER A 237 -16.75 0.99 1.62
C SER A 237 -17.07 1.00 3.11
N SER A 238 -18.35 0.79 3.41
CA SER A 238 -18.84 0.69 4.79
C SER A 238 -18.46 1.92 5.61
N GLN A 239 -18.72 3.10 5.05
CA GLN A 239 -18.44 4.35 5.73
C GLN A 239 -19.68 5.14 6.09
N ASN A 240 -20.85 4.78 5.56
CA ASN A 240 -22.07 5.49 5.89
C ASN A 240 -22.45 5.24 7.34
N ALA A 241 -23.22 6.17 7.90
CA ALA A 241 -23.56 6.10 9.32
C ALA A 241 -24.37 4.85 9.65
N HIS A 242 -25.36 4.53 8.82
CA HIS A 242 -26.25 3.40 9.09
C HIS A 242 -26.44 2.58 7.83
N TYR A 243 -26.57 1.27 8.03
CA TYR A 243 -26.81 0.32 6.95
C TYR A 243 -27.92 -0.63 7.35
N GLU A 244 -28.35 -1.46 6.41
CA GLU A 244 -29.32 -2.52 6.67
C GLU A 244 -28.57 -3.81 6.93
N SER A 245 -28.87 -4.46 8.05
CA SER A 245 -28.07 -5.58 8.54
C SER A 245 -26.59 -5.17 8.63
N GLN A 246 -26.35 -4.17 9.47
CA GLN A 246 -25.07 -3.47 9.47
C GLN A 246 -23.92 -4.40 9.85
N GLY A 247 -24.13 -5.24 10.86
CA GLY A 247 -23.07 -6.16 11.26
C GLY A 247 -22.74 -7.19 10.18
N LEU A 248 -23.77 -7.77 9.58
CA LEU A 248 -23.54 -8.73 8.51
C LEU A 248 -22.86 -8.07 7.32
N TYR A 249 -23.26 -6.85 6.98
CA TYR A 249 -22.63 -6.13 5.89
C TYR A 249 -21.16 -5.86 6.18
N ARG A 250 -20.85 -5.45 7.42
CA ARG A 250 -19.46 -5.20 7.78
C ARG A 250 -18.64 -6.49 7.71
N PHE A 251 -19.19 -7.60 8.19
CA PHE A 251 -18.49 -8.87 8.13
C PHE A 251 -18.23 -9.27 6.68
N ALA A 252 -19.23 -9.13 5.82
CA ALA A 252 -19.05 -9.47 4.41
C ALA A 252 -18.01 -8.58 3.75
N ASN A 253 -18.02 -7.28 4.07
CA ASN A 253 -17.04 -6.36 3.52
C ASN A 253 -15.63 -6.76 3.95
N PHE A 254 -15.45 -7.08 5.23
CA PHE A 254 -14.14 -7.47 5.72
C PHE A 254 -13.66 -8.75 5.03
N VAL A 255 -14.55 -9.74 4.92
CA VAL A 255 -14.16 -11.01 4.31
C VAL A 255 -13.77 -10.80 2.85
N PHE A 256 -14.59 -10.04 2.11
CA PHE A 256 -14.30 -9.81 0.70
C PHE A 256 -13.00 -9.04 0.52
N ILE A 257 -12.77 -8.01 1.33
CA ILE A 257 -11.54 -7.24 1.19
C ILE A 257 -10.33 -8.11 1.49
N LEU A 258 -10.40 -8.93 2.54
CA LEU A 258 -9.29 -9.80 2.88
C LEU A 258 -9.00 -10.79 1.76
N MET A 259 -10.04 -11.45 1.25
CA MET A 259 -9.86 -12.44 0.19
C MET A 259 -9.30 -11.78 -1.07
N GLY A 260 -9.84 -10.62 -1.44
CA GLY A 260 -9.36 -9.94 -2.63
C GLY A 260 -7.92 -9.48 -2.51
N VAL A 261 -7.55 -8.96 -1.33
CA VAL A 261 -6.19 -8.52 -1.11
C VAL A 261 -5.24 -9.70 -1.21
N CYS A 262 -5.59 -10.82 -0.59
CA CYS A 262 -4.74 -12.01 -0.66
C CYS A 262 -4.57 -12.46 -2.11
N CYS A 263 -5.68 -12.56 -2.85
CA CYS A 263 -5.63 -13.04 -4.22
C CYS A 263 -4.81 -12.11 -5.10
N ILE A 264 -5.02 -10.79 -4.96
CA ILE A 264 -4.33 -9.84 -5.83
C ILE A 264 -2.85 -9.79 -5.48
N TYR A 265 -2.49 -9.91 -4.20
CA TYR A 265 -1.08 -9.95 -3.83
C TYR A 265 -0.40 -11.20 -4.40
N SER A 266 -1.06 -12.35 -4.31
CA SER A 266 -0.50 -13.55 -4.90
C SER A 266 -0.35 -13.40 -6.41
N LEU A 267 -1.34 -12.78 -7.06
CA LEU A 267 -1.24 -12.53 -8.49
C LEU A 267 -0.07 -11.62 -8.81
N PHE A 268 0.14 -10.59 -7.98
CA PHE A 268 1.28 -9.70 -8.18
C PHE A 268 2.58 -10.46 -8.08
N ASN A 269 2.71 -11.35 -7.09
CA ASN A 269 3.94 -12.12 -6.94
C ASN A 269 4.16 -13.05 -8.14
N VAL A 270 3.10 -13.70 -8.60
CA VAL A 270 3.25 -14.62 -9.74
C VAL A 270 3.63 -13.86 -11.00
N ILE A 271 3.00 -12.71 -11.23
CA ILE A 271 3.35 -11.91 -12.39
C ILE A 271 4.76 -11.36 -12.26
N SER A 272 5.22 -11.11 -11.03
CA SER A 272 6.61 -10.71 -10.83
C SER A 272 7.57 -11.82 -11.22
N ILE A 273 7.21 -13.07 -10.88
CA ILE A 273 8.03 -14.20 -11.30
C ILE A 273 8.07 -14.28 -12.82
N LEU A 274 6.91 -14.11 -13.47
CA LEU A 274 6.86 -14.13 -14.93
C LEU A 274 7.71 -13.02 -15.53
N ILE A 275 7.66 -11.83 -14.93
CA ILE A 275 8.44 -10.70 -15.43
C ILE A 275 9.93 -10.96 -15.23
N LYS A 276 10.31 -11.63 -14.14
CA LYS A 276 11.72 -12.00 -13.96
C LYS A 276 12.16 -12.97 -15.05
N GLN A 277 11.32 -13.94 -15.37
CA GLN A 277 11.64 -14.85 -16.47
C GLN A 277 11.82 -14.08 -17.78
N SER A 278 10.89 -13.17 -18.08
CA SER A 278 10.97 -12.40 -19.30
C SER A 278 12.22 -11.52 -19.32
N LEU A 279 12.59 -10.96 -18.16
CA LEU A 279 13.78 -10.12 -18.07
C LEU A 279 15.03 -10.94 -18.34
N ASN A 280 15.10 -12.14 -17.77
CA ASN A 280 16.23 -13.02 -18.07
C ASN A 280 16.29 -13.31 -19.57
N TRP A 281 15.13 -13.59 -20.18
CA TRP A 281 15.11 -13.91 -21.60
C TRP A 281 15.60 -12.74 -22.45
N ILE A 282 15.12 -11.52 -22.15
CA ILE A 282 15.50 -10.37 -22.98
C ILE A 282 16.97 -10.04 -22.76
N LEU A 283 17.46 -10.16 -21.52
CA LEU A 283 18.87 -9.93 -21.28
C LEU A 283 19.73 -10.91 -22.06
N ARG A 284 19.35 -12.19 -22.05
CA ARG A 284 20.11 -13.19 -22.78
C ARG A 284 20.08 -12.93 -24.28
N LYS A 285 18.91 -12.58 -24.81
CA LYS A 285 18.80 -12.31 -26.25
C LYS A 285 19.64 -11.10 -26.64
N MET A 286 19.61 -10.05 -25.83
CA MET A 286 20.40 -8.85 -26.13
C MET A 286 21.89 -9.16 -26.06
N ASP A 287 22.32 -9.95 -25.08
CA ASP A 287 23.72 -10.31 -24.97
C ASP A 287 24.15 -11.21 -26.13
N SER A 288 23.23 -12.03 -26.66
CA SER A 288 23.59 -12.99 -27.69
C SER A 288 23.60 -12.37 -29.08
N GLY A 289 22.46 -11.83 -29.53
CA GLY A 289 22.35 -11.44 -30.91
C GLY A 289 21.77 -10.07 -31.20
N CYS A 290 21.68 -9.20 -30.19
CA CYS A 290 21.16 -7.85 -30.39
C CYS A 290 22.24 -6.78 -30.32
N CYS A 291 23.45 -7.12 -29.91
CA CYS A 291 24.52 -6.12 -29.86
C CYS A 291 24.83 -5.52 -31.21
N PRO A 292 25.02 -6.29 -32.30
CA PRO A 292 25.28 -5.67 -33.60
C PRO A 292 24.03 -5.10 -34.26
N GLN A 293 22.84 -5.40 -33.75
CA GLN A 293 21.60 -4.97 -34.35
C GLN A 293 21.19 -3.56 -33.94
N CYS A 294 22.14 -2.72 -33.52
CA CYS A 294 21.80 -1.37 -33.08
C CYS A 294 21.16 -0.56 -34.21
N GLN A 295 21.69 -0.69 -35.42
CA GLN A 295 21.13 0.02 -36.56
C GLN A 295 20.34 -0.92 -37.46
N ALA A 385 13.00 -16.43 -3.18
CA ALA A 385 14.44 -16.38 -3.41
C ALA A 385 15.18 -16.08 -2.12
N PHE A 386 14.73 -15.05 -1.41
CA PHE A 386 15.38 -14.66 -0.16
C PHE A 386 15.33 -15.77 0.89
N ALA A 387 14.31 -16.64 0.79
CA ALA A 387 14.13 -17.68 1.81
C ALA A 387 15.26 -18.70 1.76
N ILE A 388 15.53 -19.26 0.59
CA ILE A 388 16.64 -20.17 0.43
C ILE A 388 17.91 -19.34 0.42
N MET A 389 17.75 -18.01 0.40
CA MET A 389 18.85 -17.07 0.24
C MET A 389 19.34 -16.63 1.60
N ASN A 390 18.52 -15.92 2.36
CA ASN A 390 18.98 -15.39 3.65
C ASN A 390 18.46 -16.21 4.82
N ASN A 391 17.27 -16.82 4.67
CA ASN A 391 16.74 -17.63 5.76
C ASN A 391 17.45 -18.97 5.85
N ARG A 392 18.10 -19.40 4.77
CA ARG A 392 18.76 -20.70 4.75
C ARG A 392 19.93 -20.75 5.74
N LEU A 393 20.74 -19.69 5.78
CA LEU A 393 21.91 -19.69 6.66
C LEU A 393 21.49 -19.71 8.12
N ALA A 394 20.46 -18.94 8.46
CA ALA A 394 19.99 -18.84 9.84
C ALA A 394 19.04 -19.98 10.15
N GLU A 395 19.57 -21.20 10.03
CA GLU A 395 18.81 -22.41 10.34
C GLU A 395 19.74 -23.61 10.47
N GLY B 1 -1.97 -32.28 21.79
CA GLY B 1 -2.42 -33.05 20.64
C GLY B 1 -2.07 -32.39 19.32
N PRO B 2 -1.34 -33.11 18.47
CA PRO B 2 -0.97 -32.54 17.16
C PRO B 2 -2.17 -32.24 16.27
N GLY B 3 -3.29 -32.93 16.48
CA GLY B 3 -4.46 -32.70 15.66
C GLY B 3 -4.44 -33.36 14.30
N HIS B 4 -3.51 -34.27 14.06
CA HIS B 4 -3.38 -35.00 12.79
C HIS B 4 -3.42 -34.06 11.58
N LEU B 5 -2.97 -32.82 11.78
CA LEU B 5 -2.79 -31.87 10.69
C LEU B 5 -1.31 -31.55 10.54
N ASN B 6 -0.92 -31.23 9.31
CA ASN B 6 0.50 -30.97 9.04
C ASN B 6 0.93 -29.66 9.70
N GLU B 7 2.25 -29.48 9.76
CA GLU B 7 2.81 -28.31 10.43
C GLU B 7 2.39 -27.01 9.75
N ASP B 8 2.30 -27.03 8.41
CA ASP B 8 2.07 -25.79 7.68
C ASP B 8 0.65 -25.27 7.89
N ASN B 9 -0.34 -26.17 7.90
CA ASN B 9 -1.72 -25.74 8.14
C ASN B 9 -1.86 -25.17 9.55
N ALA B 10 -1.22 -25.81 10.53
CA ALA B 10 -1.25 -25.29 11.89
C ALA B 10 -0.58 -23.92 11.97
N ARG B 11 0.52 -23.74 11.25
CA ARG B 11 1.16 -22.43 11.20
C ARG B 11 0.24 -21.38 10.62
N PHE B 12 -0.45 -21.73 9.52
CA PHE B 12 -1.38 -20.79 8.90
C PHE B 12 -2.49 -20.41 9.87
N LEU B 13 -3.09 -21.39 10.53
CA LEU B 13 -4.19 -21.10 11.45
C LEU B 13 -3.72 -20.27 12.63
N LEU B 14 -2.55 -20.60 13.18
CA LEU B 14 -2.01 -19.83 14.31
C LEU B 14 -1.73 -18.40 13.89
N LEU B 15 -1.17 -18.20 12.70
CA LEU B 15 -0.90 -16.85 12.24
C LEU B 15 -2.20 -16.06 12.05
N ALA B 16 -3.23 -16.71 11.50
CA ALA B 16 -4.51 -16.03 11.33
C ALA B 16 -5.09 -15.62 12.67
N ALA B 17 -5.08 -16.53 13.65
CA ALA B 17 -5.62 -16.20 14.97
C ALA B 17 -4.81 -15.09 15.63
N LEU B 18 -3.49 -15.14 15.53
CA LEU B 18 -2.66 -14.10 16.12
C LEU B 18 -2.92 -12.75 15.47
N ILE B 19 -3.11 -12.73 14.14
CA ILE B 19 -3.39 -11.47 13.46
C ILE B 19 -4.75 -10.93 13.87
N VAL B 20 -5.73 -11.81 14.07
CA VAL B 20 -7.05 -11.36 14.51
C VAL B 20 -6.95 -10.73 15.90
N LEU B 21 -6.23 -11.39 16.81
CA LEU B 21 -6.05 -10.85 18.14
C LEU B 21 -5.30 -9.51 18.10
N TYR B 22 -4.29 -9.43 17.24
CA TYR B 22 -3.54 -8.19 17.09
C TYR B 22 -4.43 -7.06 16.59
N LEU B 23 -5.29 -7.37 15.62
CA LEU B 23 -6.21 -6.35 15.11
C LEU B 23 -7.16 -5.88 16.20
N LEU B 24 -7.72 -6.81 16.97
CA LEU B 24 -8.64 -6.42 18.04
C LEU B 24 -7.93 -5.53 19.07
N GLY B 25 -6.74 -5.94 19.50
CA GLY B 25 -6.01 -5.15 20.48
C GLY B 25 -5.64 -3.78 19.96
N GLY B 26 -5.17 -3.70 18.72
CA GLY B 26 -4.82 -2.42 18.15
C GLY B 26 -6.01 -1.50 17.99
N ALA B 27 -7.16 -2.05 17.59
CA ALA B 27 -8.37 -1.26 17.50
C ALA B 27 -8.74 -0.68 18.86
N ALA B 28 -8.73 -1.54 19.90
CA ALA B 28 -9.05 -1.06 21.24
C ALA B 28 -8.09 0.06 21.66
N VAL B 29 -6.79 -0.13 21.42
CA VAL B 29 -5.80 0.85 21.85
C VAL B 29 -6.00 2.17 21.11
N PHE B 30 -6.18 2.11 19.79
CA PHE B 30 -6.35 3.35 19.02
C PHE B 30 -7.61 4.09 19.42
N SER B 31 -8.71 3.36 19.63
CA SER B 31 -9.95 4.01 20.06
C SER B 31 -9.76 4.69 21.40
N ALA B 32 -9.27 3.95 22.40
CA ALA B 32 -9.04 4.54 23.71
C ALA B 32 -8.00 5.66 23.65
N LEU B 33 -7.18 5.70 22.61
CA LEU B 33 -6.13 6.70 22.51
C LEU B 33 -6.66 8.01 21.95
N GLU B 34 -7.57 7.97 20.97
CA GLU B 34 -7.92 9.24 20.34
C GLU B 34 -9.41 9.45 20.07
N LEU B 35 -10.31 8.69 20.71
CA LEU B 35 -11.73 9.01 20.59
C LEU B 35 -12.04 10.38 21.17
N ALA B 36 -11.36 10.73 22.27
CA ALA B 36 -11.58 12.05 22.88
C ALA B 36 -11.16 13.17 21.95
N HIS B 37 -10.00 13.02 21.29
CA HIS B 37 -9.57 14.04 20.34
C HIS B 37 -10.53 14.13 19.17
N GLU B 38 -11.00 12.99 18.68
CA GLU B 38 -12.03 12.99 17.64
C GLU B 38 -13.23 13.83 18.08
N ARG B 39 -13.76 13.54 19.25
CA ARG B 39 -14.98 14.22 19.71
C ARG B 39 -14.73 15.71 19.88
N GLN B 40 -13.57 16.07 20.42
CA GLN B 40 -13.24 17.48 20.60
C GLN B 40 -13.17 18.20 19.26
N ALA B 41 -12.54 17.58 18.27
CA ALA B 41 -12.45 18.21 16.95
C ALA B 41 -13.81 18.35 16.30
N LYS B 42 -14.66 17.33 16.43
CA LYS B 42 -16.01 17.41 15.89
C LYS B 42 -16.80 18.54 16.55
N GLN B 43 -16.69 18.66 17.87
CA GLN B 43 -17.40 19.71 18.58
C GLN B 43 -16.89 21.09 18.17
N ARG B 44 -15.57 21.21 17.98
CA ARG B 44 -15.00 22.48 17.52
C ARG B 44 -15.52 22.84 16.14
N TRP B 45 -15.59 21.86 15.23
CA TRP B 45 -16.14 22.14 13.90
C TRP B 45 -17.59 22.58 13.98
N GLU B 46 -18.38 21.92 14.83
CA GLU B 46 -19.78 22.30 14.97
C GLU B 46 -19.89 23.73 15.50
N GLU B 47 -19.08 24.09 16.49
CA GLU B 47 -19.09 25.45 17.00
C GLU B 47 -18.73 26.46 15.91
N ARG B 48 -17.70 26.15 15.12
CA ARG B 48 -17.30 27.06 14.05
C ARG B 48 -18.40 27.21 13.01
N LEU B 49 -19.04 26.10 12.64
CA LEU B 49 -20.13 26.16 11.67
C LEU B 49 -21.29 27.01 12.19
N ALA B 50 -21.66 26.81 13.45
CA ALA B 50 -22.75 27.60 14.03
C ALA B 50 -22.40 29.08 14.08
N ASN B 51 -21.15 29.39 14.47
CA ASN B 51 -20.74 30.79 14.52
C ASN B 51 -20.76 31.43 13.14
N PHE B 52 -20.28 30.70 12.13
CA PHE B 52 -20.31 31.24 10.76
C PHE B 52 -21.73 31.43 10.27
N SER B 53 -22.62 30.48 10.57
CA SER B 53 -24.01 30.61 10.16
C SER B 53 -24.67 31.81 10.82
N ARG B 54 -24.39 32.04 12.10
CA ARG B 54 -24.99 33.18 12.79
C ARG B 54 -24.42 34.50 12.28
N GLY B 55 -23.11 34.56 12.04
CA GLY B 55 -22.45 35.81 11.72
C GLY B 55 -22.68 36.34 10.32
N HIS B 56 -23.23 35.53 9.42
CA HIS B 56 -23.46 35.97 8.05
C HIS B 56 -24.87 35.66 7.56
N ASN B 57 -25.74 35.17 8.43
CA ASN B 57 -27.17 34.97 8.13
C ASN B 57 -27.36 34.02 6.95
N LEU B 58 -26.93 32.78 7.13
CA LEU B 58 -27.24 31.70 6.21
C LEU B 58 -27.77 30.51 7.00
N SER B 59 -28.75 29.82 6.41
CA SER B 59 -29.29 28.62 7.02
C SER B 59 -28.30 27.47 6.82
N ARG B 60 -28.72 26.25 7.14
CA ARG B 60 -27.86 25.10 6.98
C ARG B 60 -27.94 24.48 5.59
N ASP B 61 -28.99 24.78 4.82
CA ASP B 61 -29.14 24.19 3.49
C ASP B 61 -28.12 24.77 2.51
N GLU B 62 -28.01 26.09 2.45
CA GLU B 62 -27.04 26.71 1.55
C GLU B 62 -25.62 26.35 1.96
N LEU B 63 -25.34 26.32 3.26
CA LEU B 63 -24.01 25.91 3.71
C LEU B 63 -23.73 24.46 3.36
N ARG B 64 -24.73 23.59 3.49
CA ARG B 64 -24.57 22.20 3.10
C ARG B 64 -24.25 22.07 1.62
N GLY B 65 -24.98 22.81 0.77
CA GLY B 65 -24.69 22.78 -0.65
C GLY B 65 -23.31 23.29 -0.98
N PHE B 66 -22.92 24.39 -0.33
CA PHE B 66 -21.58 24.95 -0.55
C PHE B 66 -20.51 23.97 -0.14
N LEU B 67 -20.69 23.28 0.99
CA LEU B 67 -19.70 22.32 1.45
C LEU B 67 -19.66 21.10 0.55
N ARG B 68 -20.79 20.68 0.00
CA ARG B 68 -20.78 19.57 -0.97
C ARG B 68 -20.03 19.97 -2.23
N HIS B 69 -20.27 21.20 -2.72
CA HIS B 69 -19.53 21.68 -3.89
C HIS B 69 -18.04 21.73 -3.59
N TYR B 70 -17.66 22.16 -2.39
CA TYR B 70 -16.25 22.21 -2.04
C TYR B 70 -15.66 20.81 -1.90
N GLU B 71 -16.44 19.84 -1.43
CA GLU B 71 -15.95 18.45 -1.41
C GLU B 71 -15.70 17.95 -2.83
N GLU B 72 -16.61 18.25 -3.76
CA GLU B 72 -16.37 17.89 -5.15
C GLU B 72 -15.11 18.55 -5.68
N ALA B 73 -14.92 19.83 -5.34
CA ALA B 73 -13.71 20.53 -5.77
C ALA B 73 -12.45 19.87 -5.22
N THR B 74 -12.46 19.52 -3.94
CA THR B 74 -11.29 18.86 -3.34
C THR B 74 -11.03 17.52 -4.01
N ARG B 75 -12.08 16.75 -4.27
CA ARG B 75 -11.92 15.51 -5.02
C ARG B 75 -11.34 15.78 -6.40
N ALA B 76 -11.60 16.97 -6.95
CA ALA B 76 -11.00 17.39 -8.20
C ALA B 76 -9.58 17.91 -8.03
N GLY B 77 -9.12 18.11 -6.80
CA GLY B 77 -7.77 18.58 -6.56
C GLY B 77 -7.68 20.06 -6.27
N ILE B 78 -8.57 20.56 -5.42
CA ILE B 78 -8.61 21.97 -5.04
C ILE B 78 -8.41 22.08 -3.54
N ARG B 79 -7.52 22.97 -3.13
CA ARG B 79 -7.25 23.22 -1.71
C ARG B 79 -7.38 24.71 -1.43
N VAL B 80 -7.60 25.02 -0.15
CA VAL B 80 -7.78 26.42 0.24
C VAL B 80 -6.52 27.21 -0.03
N ASP B 81 -5.36 26.62 0.23
CA ASP B 81 -4.09 27.25 -0.08
C ASP B 81 -3.59 26.82 -1.46
N ASN B 82 -2.54 27.48 -1.91
CA ASN B 82 -2.01 27.21 -3.24
C ASN B 82 -1.48 25.78 -3.33
N VAL B 83 -1.80 25.10 -4.44
CA VAL B 83 -1.34 23.74 -4.70
C VAL B 83 -0.94 23.63 -6.16
N ARG B 84 0.02 22.76 -6.43
CA ARG B 84 0.52 22.57 -7.78
C ARG B 84 -0.55 21.95 -8.68
N PRO B 85 -0.44 22.12 -9.99
CA PRO B 85 -1.39 21.48 -10.89
C PRO B 85 -1.43 19.98 -10.65
N ARG B 86 -2.64 19.42 -10.66
CA ARG B 86 -2.83 18.05 -10.22
C ARG B 86 -2.50 17.03 -11.31
N TRP B 87 -2.72 17.38 -12.59
CA TRP B 87 -2.55 16.42 -13.67
C TRP B 87 -1.64 16.94 -14.77
N ASP B 88 -0.73 17.84 -14.45
CA ASP B 88 0.34 18.15 -15.39
C ASP B 88 1.32 16.98 -15.43
N PHE B 89 2.36 17.10 -16.26
CA PHE B 89 3.26 15.97 -16.43
C PHE B 89 3.96 15.62 -15.12
N THR B 90 4.39 16.62 -14.35
CA THR B 90 5.02 16.35 -13.07
C THR B 90 4.03 15.75 -12.07
N GLY B 91 2.81 16.31 -12.03
CA GLY B 91 1.79 15.73 -11.17
C GLY B 91 1.43 14.32 -11.57
N ALA B 92 1.35 14.06 -12.88
CA ALA B 92 1.08 12.71 -13.34
C ALA B 92 2.22 11.76 -12.98
N PHE B 93 3.46 12.25 -13.04
CA PHE B 93 4.59 11.43 -12.62
C PHE B 93 4.50 11.09 -11.13
N TYR B 94 4.14 12.08 -10.31
CA TYR B 94 3.93 11.80 -8.89
C TYR B 94 2.84 10.77 -8.70
N PHE B 95 1.73 10.91 -9.44
CA PHE B 95 0.61 9.98 -9.29
C PHE B 95 1.02 8.56 -9.66
N VAL B 96 1.71 8.40 -10.80
CA VAL B 96 2.10 7.06 -11.22
C VAL B 96 3.15 6.49 -10.28
N GLY B 97 4.00 7.33 -9.70
CA GLY B 97 4.93 6.84 -8.70
C GLY B 97 4.21 6.33 -7.47
N THR B 98 3.16 7.04 -7.04
CA THR B 98 2.37 6.57 -5.90
C THR B 98 1.65 5.26 -6.23
N VAL B 99 1.13 5.15 -7.46
CA VAL B 99 0.41 3.94 -7.85
C VAL B 99 1.37 2.76 -7.98
N VAL B 100 2.51 3.00 -8.62
CA VAL B 100 3.44 1.91 -8.93
C VAL B 100 3.98 1.27 -7.66
N SER B 101 4.23 2.08 -6.63
CA SER B 101 4.75 1.57 -5.37
C SER B 101 3.65 1.16 -4.40
N THR B 102 2.40 1.16 -4.83
CA THR B 102 1.24 0.82 -3.99
C THR B 102 1.11 1.74 -2.79
N ILE B 103 1.69 2.94 -2.86
CA ILE B 103 1.52 3.91 -1.78
C ILE B 103 0.12 4.50 -1.80
N GLY B 104 -0.26 5.09 -2.95
CA GLY B 104 -1.59 5.64 -3.10
C GLY B 104 -1.92 6.70 -2.08
N PHE B 105 -1.25 7.85 -2.17
CA PHE B 105 -1.52 8.93 -1.22
C PHE B 105 -2.97 9.39 -1.32
N GLY B 106 -3.50 9.51 -2.52
CA GLY B 106 -4.88 9.88 -2.73
C GLY B 106 -5.10 11.33 -3.11
N MET B 107 -4.07 12.18 -3.03
CA MET B 107 -4.24 13.56 -3.43
C MET B 107 -4.52 13.69 -4.92
N THR B 108 -4.04 12.73 -5.72
CA THR B 108 -4.28 12.68 -7.15
C THR B 108 -4.96 11.35 -7.48
N THR B 109 -6.21 11.41 -7.90
CA THR B 109 -6.95 10.21 -8.24
C THR B 109 -7.63 10.39 -9.60
N PRO B 110 -7.73 9.33 -10.38
CA PRO B 110 -8.42 9.44 -11.68
C PRO B 110 -9.90 9.73 -11.50
N ALA B 111 -10.45 10.48 -12.45
CA ALA B 111 -11.85 10.86 -12.40
C ALA B 111 -12.58 10.59 -13.72
N THR B 112 -11.99 9.82 -14.62
CA THR B 112 -12.62 9.48 -15.89
C THR B 112 -12.60 7.97 -16.09
N VAL B 113 -13.57 7.48 -16.85
CA VAL B 113 -13.71 6.03 -17.04
C VAL B 113 -12.46 5.45 -17.69
N GLY B 114 -12.01 6.08 -18.78
CA GLY B 114 -10.76 5.64 -19.38
C GLY B 114 -9.58 5.77 -18.44
N GLY B 115 -9.56 6.85 -17.66
CA GLY B 115 -8.52 6.99 -16.65
C GLY B 115 -8.52 5.83 -15.67
N LYS B 116 -9.70 5.40 -15.22
CA LYS B 116 -9.77 4.32 -14.24
C LYS B 116 -9.40 2.98 -14.87
N ILE B 117 -9.79 2.74 -16.12
CA ILE B 117 -9.42 1.48 -16.77
C ILE B 117 -7.92 1.41 -16.97
N PHE B 118 -7.32 2.50 -17.48
CA PHE B 118 -5.88 2.53 -17.61
C PHE B 118 -5.19 2.43 -16.26
N LEU B 119 -5.80 3.00 -15.22
CA LEU B 119 -5.26 2.84 -13.87
C LEU B 119 -5.22 1.38 -13.49
N ILE B 120 -6.32 0.65 -13.74
CA ILE B 120 -6.35 -0.77 -13.38
C ILE B 120 -5.21 -1.51 -14.07
N PHE B 121 -5.12 -1.39 -15.40
CA PHE B 121 -4.14 -2.18 -16.14
C PHE B 121 -2.70 -1.75 -15.81
N TYR B 122 -2.44 -0.45 -15.87
CA TYR B 122 -1.13 0.09 -15.58
C TYR B 122 -0.69 -0.25 -14.16
N GLY B 123 -1.60 -0.13 -13.20
CA GLY B 123 -1.26 -0.48 -11.83
C GLY B 123 -0.94 -1.95 -11.67
N LEU B 124 -1.73 -2.82 -12.30
CA LEU B 124 -1.40 -4.24 -12.27
C LEU B 124 0.04 -4.47 -12.71
N VAL B 125 0.35 -4.05 -13.94
CA VAL B 125 1.67 -4.34 -14.51
C VAL B 125 2.78 -3.68 -13.70
N GLY B 126 2.59 -2.40 -13.35
CA GLY B 126 3.63 -1.66 -12.66
C GLY B 126 3.87 -2.16 -11.24
N CYS B 127 2.80 -2.53 -10.53
CA CYS B 127 2.95 -3.07 -9.19
C CYS B 127 3.66 -4.42 -9.23
N SER B 128 3.35 -5.26 -10.22
CA SER B 128 4.12 -6.49 -10.38
C SER B 128 5.60 -6.19 -10.59
N SER B 129 5.90 -5.28 -11.52
CA SER B 129 7.29 -4.93 -11.79
C SER B 129 7.97 -4.36 -10.55
N THR B 130 7.24 -3.60 -9.74
CA THR B 130 7.83 -2.93 -8.59
C THR B 130 8.08 -3.92 -7.45
N ILE B 131 7.18 -4.89 -7.27
CA ILE B 131 7.44 -5.95 -6.30
C ILE B 131 8.68 -6.73 -6.71
N LEU B 132 8.80 -7.03 -8.01
CA LEU B 132 10.00 -7.70 -8.49
C LEU B 132 11.24 -6.85 -8.22
N PHE B 133 11.15 -5.55 -8.46
CA PHE B 133 12.28 -4.66 -8.23
C PHE B 133 12.67 -4.63 -6.76
N PHE B 134 11.69 -4.60 -5.85
CA PHE B 134 12.01 -4.60 -4.43
C PHE B 134 12.69 -5.90 -4.02
N ASN B 135 12.20 -7.04 -4.52
CA ASN B 135 12.85 -8.30 -4.20
C ASN B 135 14.28 -8.34 -4.73
N LEU B 136 14.48 -7.88 -5.97
CA LEU B 136 15.81 -7.86 -6.55
C LEU B 136 16.74 -6.94 -5.75
N PHE B 137 16.23 -5.79 -5.30
CA PHE B 137 17.03 -4.88 -4.49
C PHE B 137 17.41 -5.51 -3.18
N LEU B 138 16.48 -6.22 -2.54
CA LEU B 138 16.81 -6.91 -1.29
C LEU B 138 17.91 -7.95 -1.51
N GLU B 139 17.79 -8.74 -2.58
CA GLU B 139 18.82 -9.73 -2.88
C GLU B 139 20.17 -9.07 -3.12
N ARG B 140 20.18 -7.98 -3.87
CA ARG B 140 21.42 -7.27 -4.18
C ARG B 140 22.05 -6.70 -2.91
N LEU B 141 21.23 -6.12 -2.03
CA LEU B 141 21.76 -5.60 -0.78
C LEU B 141 22.33 -6.70 0.10
N ILE B 142 21.67 -7.86 0.13
CA ILE B 142 22.20 -8.98 0.89
C ILE B 142 23.56 -9.41 0.34
N THR B 143 23.67 -9.49 -0.99
CA THR B 143 24.94 -9.85 -1.60
C THR B 143 26.02 -8.82 -1.28
N ILE B 144 25.66 -7.54 -1.30
CA ILE B 144 26.63 -6.49 -0.99
C ILE B 144 27.11 -6.64 0.44
N ILE B 145 26.19 -6.89 1.38
CA ILE B 145 26.56 -7.05 2.78
C ILE B 145 27.48 -8.26 2.94
N ALA B 146 27.19 -9.35 2.24
CA ALA B 146 28.06 -10.52 2.29
C ALA B 146 29.46 -10.19 1.79
N TYR B 147 29.55 -9.49 0.66
CA TYR B 147 30.86 -9.14 0.10
C TYR B 147 31.63 -8.24 1.06
N ILE B 148 30.96 -7.24 1.65
CA ILE B 148 31.61 -6.32 2.56
C ILE B 148 32.10 -7.06 3.80
N MET B 149 31.28 -7.98 4.32
CA MET B 149 31.69 -8.76 5.49
C MET B 149 32.89 -9.63 5.17
N LYS B 150 32.90 -10.25 4.00
CA LYS B 150 34.06 -11.04 3.59
C LYS B 150 35.32 -10.18 3.52
N SER B 151 35.21 -9.01 2.89
CA SER B 151 36.38 -8.14 2.76
C SER B 151 36.87 -7.69 4.13
N CYS B 152 35.94 -7.32 5.02
CA CYS B 152 36.35 -6.89 6.36
C CYS B 152 37.01 -8.01 7.13
N HIS B 153 36.48 -9.23 7.03
CA HIS B 153 37.08 -10.37 7.73
C HIS B 153 38.48 -10.66 7.19
N GLN B 154 38.65 -10.60 5.87
CA GLN B 154 39.97 -10.87 5.30
C GLN B 154 40.95 -9.78 5.68
N ARG B 155 40.51 -8.53 5.74
CA ARG B 155 41.39 -7.45 6.18
C ARG B 155 41.78 -7.63 7.64
N GLN B 156 40.81 -8.00 8.49
CA GLN B 156 41.10 -8.18 9.91
C GLN B 156 42.09 -9.32 10.14
N LEU B 157 41.91 -10.44 9.42
CA LEU B 157 42.86 -11.54 9.57
C LEU B 157 44.20 -11.23 8.94
N ARG B 158 44.25 -10.36 7.93
CA ARG B 158 45.54 -9.97 7.36
C ARG B 158 46.31 -9.05 8.30
N ARG B 159 45.61 -8.13 8.96
CA ARG B 159 46.26 -7.22 9.90
C ARG B 159 46.74 -7.95 11.15
N LEU B 179 30.01 -13.42 -2.04
CA LEU B 179 30.21 -14.87 -2.13
C LEU B 179 29.27 -15.58 -1.16
N ALA B 180 28.93 -16.84 -1.47
CA ALA B 180 27.96 -17.58 -0.69
C ALA B 180 28.56 -18.25 0.54
N GLY B 181 29.85 -18.08 0.82
CA GLY B 181 30.48 -18.79 1.93
C GLY B 181 30.11 -18.30 3.31
N TRP B 182 30.69 -17.20 3.76
CA TRP B 182 30.23 -16.54 4.99
C TRP B 182 29.26 -15.40 4.67
N LYS B 183 28.01 -15.81 4.62
CA LYS B 183 26.87 -14.96 4.41
C LYS B 183 26.39 -14.35 5.73
N PRO B 184 25.85 -13.14 5.69
CA PRO B 184 25.22 -12.56 6.89
C PRO B 184 23.98 -13.33 7.31
N SER B 185 23.68 -13.26 8.60
CA SER B 185 22.51 -13.91 9.15
C SER B 185 21.28 -13.00 9.05
N VAL B 186 20.14 -13.53 9.50
CA VAL B 186 18.91 -12.76 9.46
C VAL B 186 18.97 -11.60 10.44
N TYR B 187 19.49 -11.84 11.65
CA TYR B 187 19.57 -10.76 12.64
C TYR B 187 20.43 -9.61 12.15
N TYR B 188 21.58 -9.92 11.54
CA TYR B 188 22.46 -8.86 11.07
C TYR B 188 21.80 -8.05 9.97
N VAL B 189 21.18 -8.72 8.99
CA VAL B 189 20.52 -8.01 7.90
C VAL B 189 19.38 -7.16 8.45
N MET B 190 18.65 -7.68 9.42
CA MET B 190 17.57 -6.91 10.03
C MET B 190 18.09 -5.66 10.72
N LEU B 191 19.21 -5.79 11.44
CA LEU B 191 19.79 -4.63 12.10
C LEU B 191 20.27 -3.59 11.10
N ILE B 192 20.93 -4.03 10.03
CA ILE B 192 21.39 -3.10 9.01
C ILE B 192 20.21 -2.39 8.35
N LEU B 193 19.14 -3.15 8.05
CA LEU B 193 17.97 -2.52 7.44
C LEU B 193 17.31 -1.53 8.40
N CYS B 194 17.28 -1.87 9.69
CA CYS B 194 16.70 -0.95 10.67
C CYS B 194 17.48 0.35 10.75
N THR B 195 18.80 0.27 10.85
CA THR B 195 19.59 1.49 10.96
C THR B 195 19.53 2.29 9.66
N ALA B 196 19.50 1.60 8.50
CA ALA B 196 19.38 2.30 7.23
C ALA B 196 18.05 3.03 7.13
N SER B 197 16.96 2.39 7.54
CA SER B 197 15.66 3.04 7.52
C SER B 197 15.64 4.23 8.47
N ILE B 198 16.24 4.09 9.64
CA ILE B 198 16.29 5.20 10.59
C ILE B 198 17.05 6.37 10.00
N LEU B 199 18.20 6.10 9.36
CA LEU B 199 18.99 7.17 8.77
C LEU B 199 18.23 7.85 7.63
N ILE B 200 17.59 7.06 6.77
CA ILE B 200 16.84 7.62 5.65
C ILE B 200 15.70 8.49 6.16
N SER B 201 14.96 8.01 7.16
CA SER B 201 13.87 8.78 7.72
C SER B 201 14.37 10.06 8.35
N CYS B 202 15.50 9.99 9.06
CA CYS B 202 16.05 11.19 9.69
C CYS B 202 16.44 12.23 8.66
N CYS B 203 17.12 11.80 7.58
CA CYS B 203 17.52 12.74 6.55
C CYS B 203 16.31 13.34 5.83
N ALA B 204 15.33 12.49 5.50
CA ALA B 204 14.14 12.99 4.82
C ALA B 204 13.38 13.98 5.69
N SER B 205 13.27 13.70 7.00
CA SER B 205 12.63 14.63 7.90
C SER B 205 13.42 15.92 8.01
N ALA B 206 14.75 15.82 8.03
CA ALA B 206 15.58 17.01 8.09
C ALA B 206 15.35 17.90 6.88
N MET B 207 15.12 17.29 5.71
CA MET B 207 14.81 18.10 4.54
C MET B 207 13.38 18.65 4.60
N TYR B 208 12.42 17.83 5.03
CA TYR B 208 11.01 18.22 4.95
C TYR B 208 10.64 19.28 5.97
N THR B 209 11.26 19.25 7.16
CA THR B 209 10.85 20.16 8.23
C THR B 209 10.95 21.62 7.84
N PRO B 210 12.06 22.12 7.29
CA PRO B 210 12.14 23.55 6.94
C PRO B 210 11.51 23.90 5.60
N ILE B 211 11.14 22.91 4.80
CA ILE B 211 10.60 23.17 3.47
C ILE B 211 9.07 23.12 3.52
N GLU B 212 8.53 21.96 3.90
CA GLU B 212 7.08 21.80 3.94
C GLU B 212 6.44 22.51 5.13
N GLY B 213 7.23 22.93 6.12
CA GLY B 213 6.70 23.60 7.28
C GLY B 213 6.17 22.69 8.36
N TRP B 214 6.24 21.38 8.18
CA TRP B 214 5.79 20.45 9.20
C TRP B 214 6.75 20.45 10.38
N SER B 215 6.27 19.88 11.49
CA SER B 215 7.16 19.62 12.62
C SER B 215 8.04 18.41 12.32
N TYR B 216 9.13 18.30 13.07
CA TYR B 216 10.05 17.19 12.85
C TYR B 216 9.37 15.84 13.10
N PHE B 217 8.57 15.76 14.17
CA PHE B 217 7.85 14.53 14.44
C PHE B 217 6.83 14.24 13.34
N ASP B 218 6.16 15.28 12.85
CA ASP B 218 5.24 15.10 11.73
C ASP B 218 5.99 14.60 10.50
N SER B 219 7.19 15.12 10.25
CA SER B 219 7.99 14.66 9.13
C SER B 219 8.36 13.20 9.28
N LEU B 220 8.75 12.78 10.49
CA LEU B 220 9.07 11.37 10.71
C LEU B 220 7.85 10.48 10.51
N TYR B 221 6.69 10.93 10.99
CA TYR B 221 5.46 10.16 10.80
C TYR B 221 5.13 10.02 9.33
N PHE B 222 5.25 11.11 8.55
CA PHE B 222 5.00 11.03 7.12
C PHE B 222 6.01 10.11 6.45
N CYS B 223 7.27 10.16 6.89
CA CYS B 223 8.29 9.29 6.31
C CYS B 223 7.93 7.82 6.53
N PHE B 224 7.51 7.47 7.74
CA PHE B 224 7.11 6.08 7.99
C PHE B 224 5.88 5.71 7.17
N VAL B 225 4.91 6.62 7.07
CA VAL B 225 3.69 6.31 6.34
C VAL B 225 4.00 6.06 4.86
N ALA B 226 4.86 6.90 4.27
CA ALA B 226 5.17 6.75 2.86
C ALA B 226 6.06 5.55 2.60
N PHE B 227 7.05 5.32 3.46
CA PHE B 227 7.98 4.21 3.25
C PHE B 227 7.26 2.86 3.36
N SER B 228 6.36 2.73 4.33
CA SER B 228 5.64 1.48 4.53
C SER B 228 4.57 1.24 3.47
N THR B 229 4.48 2.10 2.46
CA THR B 229 3.50 1.99 1.38
C THR B 229 2.06 2.09 1.90
N ILE B 230 1.88 2.52 3.14
CA ILE B 230 0.52 2.73 3.66
C ILE B 230 -0.13 3.91 2.95
N GLY B 231 0.57 5.04 2.89
CA GLY B 231 0.08 6.20 2.18
C GLY B 231 -1.29 6.69 2.64
N PHE B 232 -1.37 7.21 3.87
CA PHE B 232 -2.63 7.72 4.37
C PHE B 232 -3.15 8.86 3.51
N GLY B 233 -2.26 9.79 3.14
CA GLY B 233 -2.63 10.94 2.36
C GLY B 233 -2.86 12.20 3.16
N ASP B 234 -2.88 12.11 4.49
CA ASP B 234 -3.02 13.31 5.31
C ASP B 234 -1.84 14.25 5.11
N LEU B 235 -0.63 13.69 5.00
CA LEU B 235 0.58 14.46 4.72
C LEU B 235 1.18 13.96 3.42
N VAL B 236 1.29 14.85 2.44
CA VAL B 236 1.91 14.54 1.16
C VAL B 236 2.97 15.59 0.87
N SER B 237 4.18 15.15 0.54
CA SER B 237 5.28 16.06 0.30
C SER B 237 5.25 16.59 -1.13
N SER B 238 5.89 17.75 -1.33
CA SER B 238 6.03 18.36 -2.65
C SER B 238 4.67 18.59 -3.31
N GLN B 239 3.75 19.17 -2.55
CA GLN B 239 2.42 19.47 -3.05
C GLN B 239 2.13 20.96 -3.16
N ASN B 240 2.96 21.82 -2.56
CA ASN B 240 2.75 23.25 -2.65
C ASN B 240 2.98 23.73 -4.08
N ALA B 241 2.35 24.87 -4.40
CA ALA B 241 2.40 25.37 -5.78
C ALA B 241 3.83 25.71 -6.21
N HIS B 242 4.59 26.37 -5.34
CA HIS B 242 5.93 26.82 -5.69
C HIS B 242 6.90 26.50 -4.56
N TYR B 243 8.13 26.17 -4.93
CA TYR B 243 9.20 25.88 -4.00
C TYR B 243 10.46 26.62 -4.43
N GLU B 244 11.47 26.56 -3.57
CA GLU B 244 12.79 27.11 -3.89
C GLU B 244 13.66 25.98 -4.43
N SER B 245 14.26 26.19 -5.60
CA SER B 245 14.94 25.12 -6.34
C SER B 245 13.99 23.94 -6.51
N GLN B 246 12.89 24.21 -7.21
CA GLN B 246 11.76 23.29 -7.22
C GLN B 246 12.13 21.95 -7.85
N GLY B 247 12.88 21.98 -8.97
CA GLY B 247 13.28 20.73 -9.60
C GLY B 247 14.20 19.90 -8.74
N LEU B 248 15.20 20.54 -8.12
CA LEU B 248 16.11 19.82 -7.24
C LEU B 248 15.36 19.24 -6.05
N TYR B 249 14.42 20.01 -5.49
CA TYR B 249 13.64 19.52 -4.36
C TYR B 249 12.79 18.32 -4.77
N ARG B 250 12.17 18.37 -5.96
CA ARG B 250 11.38 17.24 -6.41
C ARG B 250 12.25 16.01 -6.62
N PHE B 251 13.43 16.20 -7.21
CA PHE B 251 14.34 15.07 -7.42
C PHE B 251 14.75 14.45 -6.08
N ALA B 252 15.09 15.29 -5.10
CA ALA B 252 15.48 14.79 -3.79
C ALA B 252 14.33 14.05 -3.13
N ASN B 253 13.11 14.59 -3.24
CA ASN B 253 11.95 13.93 -2.66
C ASN B 253 11.73 12.57 -3.28
N PHE B 254 11.82 12.49 -4.61
CA PHE B 254 11.63 11.21 -5.29
C PHE B 254 12.69 10.20 -4.86
N VAL B 255 13.96 10.63 -4.81
CA VAL B 255 15.03 9.73 -4.44
C VAL B 255 14.85 9.22 -3.01
N PHE B 256 14.53 10.13 -2.09
CA PHE B 256 14.36 9.74 -0.69
C PHE B 256 13.17 8.80 -0.53
N ILE B 257 12.05 9.08 -1.19
CA ILE B 257 10.90 8.21 -1.07
C ILE B 257 11.20 6.83 -1.63
N LEU B 258 11.87 6.77 -2.78
CA LEU B 258 12.20 5.47 -3.36
C LEU B 258 13.12 4.68 -2.43
N MET B 259 14.18 5.32 -1.93
CA MET B 259 15.12 4.62 -1.05
C MET B 259 14.44 4.15 0.22
N GLY B 260 13.62 5.02 0.83
CA GLY B 260 12.93 4.64 2.05
C GLY B 260 11.95 3.51 1.84
N VAL B 261 11.21 3.55 0.72
CA VAL B 261 10.25 2.48 0.44
C VAL B 261 10.98 1.15 0.27
N CYS B 262 12.08 1.17 -0.49
CA CYS B 262 12.86 -0.06 -0.68
C CYS B 262 13.36 -0.59 0.66
N CYS B 263 13.96 0.28 1.47
CA CYS B 263 14.51 -0.17 2.74
C CYS B 263 13.43 -0.71 3.67
N ILE B 264 12.29 -0.02 3.76
CA ILE B 264 11.24 -0.44 4.68
C ILE B 264 10.58 -1.72 4.20
N TYR B 265 10.45 -1.89 2.88
CA TYR B 265 9.90 -3.15 2.36
C TYR B 265 10.83 -4.31 2.66
N SER B 266 12.14 -4.11 2.48
CA SER B 266 13.09 -5.17 2.81
C SER B 266 13.05 -5.48 4.30
N LEU B 267 12.93 -4.45 5.13
CA LEU B 267 12.81 -4.67 6.57
C LEU B 267 11.55 -5.45 6.90
N PHE B 268 10.44 -5.14 6.22
CA PHE B 268 9.21 -5.89 6.43
C PHE B 268 9.40 -7.36 6.09
N ASN B 269 10.06 -7.63 4.97
CA ASN B 269 10.28 -9.03 4.57
C ASN B 269 11.17 -9.76 5.58
N VAL B 270 12.23 -9.09 6.04
CA VAL B 270 13.12 -9.74 7.00
C VAL B 270 12.40 -10.00 8.33
N ILE B 271 11.63 -9.03 8.80
CA ILE B 271 10.86 -9.24 10.02
C ILE B 271 9.81 -10.33 9.83
N SER B 272 9.29 -10.47 8.61
CA SER B 272 8.37 -11.56 8.33
C SER B 272 9.07 -12.91 8.44
N ILE B 273 10.30 -12.99 7.95
CA ILE B 273 11.08 -14.22 8.11
C ILE B 273 11.29 -14.52 9.60
N LEU B 274 11.64 -13.49 10.37
CA LEU B 274 11.83 -13.68 11.81
C LEU B 274 10.55 -14.14 12.48
N ILE B 275 9.41 -13.57 12.09
CA ILE B 275 8.12 -13.95 12.66
C ILE B 275 7.77 -15.38 12.28
N LYS B 276 8.13 -15.81 11.07
CA LYS B 276 7.92 -17.21 10.69
C LYS B 276 8.75 -18.14 11.56
N GLN B 277 10.01 -17.77 11.81
CA GLN B 277 10.83 -18.57 12.73
C GLN B 277 10.18 -18.65 14.11
N SER B 278 9.73 -17.51 14.63
CA SER B 278 9.11 -17.49 15.95
C SER B 278 7.83 -18.32 15.97
N LEU B 279 7.06 -18.26 14.87
CA LEU B 279 5.83 -19.04 14.79
C LEU B 279 6.12 -20.54 14.80
N ASN B 280 7.14 -20.96 14.04
CA ASN B 280 7.56 -22.35 14.10
C ASN B 280 7.96 -22.74 15.52
N TRP B 281 8.71 -21.88 16.20
CA TRP B 281 9.16 -22.20 17.55
C TRP B 281 7.98 -22.34 18.51
N ILE B 282 7.02 -21.42 18.46
CA ILE B 282 5.91 -21.48 19.40
C ILE B 282 5.01 -22.67 19.09
N LEU B 283 4.80 -22.96 17.81
CA LEU B 283 4.03 -24.15 17.45
C LEU B 283 4.69 -25.41 17.97
N ARG B 284 6.01 -25.52 17.81
CA ARG B 284 6.71 -26.70 18.30
C ARG B 284 6.63 -26.81 19.81
N LYS B 285 6.81 -25.68 20.51
CA LYS B 285 6.75 -25.70 21.97
C LYS B 285 5.37 -26.10 22.46
N MET B 286 4.32 -25.56 21.83
CA MET B 286 2.95 -25.90 22.22
C MET B 286 2.65 -27.38 21.95
N ASP B 287 3.12 -27.89 20.82
CA ASP B 287 2.91 -29.31 20.52
C ASP B 287 3.69 -30.20 21.47
N SER B 288 4.84 -29.73 21.96
CA SER B 288 5.69 -30.58 22.79
C SER B 288 5.25 -30.57 24.25
N GLY B 289 5.25 -29.40 24.89
CA GLY B 289 5.06 -29.36 26.33
C GLY B 289 4.06 -28.38 26.87
N CYS B 290 3.20 -27.82 26.03
CA CYS B 290 2.18 -26.88 26.48
C CYS B 290 0.77 -27.46 26.46
N CYS B 291 0.57 -28.66 25.89
CA CYS B 291 -0.75 -29.26 25.87
C CYS B 291 -1.29 -29.53 27.27
N PRO B 292 -0.53 -30.15 28.19
CA PRO B 292 -1.09 -30.36 29.55
C PRO B 292 -1.05 -29.12 30.41
N GLN B 293 -0.37 -28.05 29.98
CA GLN B 293 -0.24 -26.83 30.77
C GLN B 293 -1.41 -25.89 30.62
N CYS B 294 -2.59 -26.39 30.23
CA CYS B 294 -3.74 -25.52 30.05
C CYS B 294 -4.13 -24.81 31.34
N GLN B 295 -4.09 -25.53 32.46
CA GLN B 295 -4.42 -24.93 33.75
C GLN B 295 -3.16 -24.68 34.57
N ALA B 385 10.40 -18.34 -0.72
CA ALA B 385 9.83 -19.69 -0.64
C ALA B 385 9.13 -20.06 -1.94
N PHE B 386 8.29 -19.15 -2.44
CA PHE B 386 7.55 -19.42 -3.67
C PHE B 386 8.50 -19.62 -4.86
N ALA B 387 9.69 -19.02 -4.80
CA ALA B 387 10.61 -19.07 -5.93
C ALA B 387 11.11 -20.50 -6.16
N ILE B 388 11.63 -21.12 -5.12
CA ILE B 388 12.08 -22.50 -5.22
C ILE B 388 10.83 -23.37 -5.21
N MET B 389 9.67 -22.73 -4.98
CA MET B 389 8.40 -23.43 -4.78
C MET B 389 7.67 -23.51 -6.10
N ASN B 390 7.26 -22.37 -6.66
CA ASN B 390 6.46 -22.40 -7.89
C ASN B 390 7.30 -22.05 -9.12
N ASN B 391 8.31 -21.20 -8.94
CA ASN B 391 9.16 -20.85 -10.07
C ASN B 391 10.10 -21.97 -10.45
N ARG B 392 10.36 -22.90 -9.52
CA ARG B 392 11.31 -23.97 -9.77
C ARG B 392 10.81 -24.91 -10.86
N LEU B 393 9.52 -25.27 -10.83
CA LEU B 393 8.99 -26.21 -11.81
C LEU B 393 9.01 -25.60 -13.21
N ALA B 394 8.66 -24.32 -13.32
CA ALA B 394 8.61 -23.64 -14.60
C ALA B 394 9.99 -23.14 -14.99
N GLU B 395 10.92 -24.08 -15.12
CA GLU B 395 12.28 -23.79 -15.53
C GLU B 395 13.03 -25.06 -15.93
C310 POV C . -12.99 -12.08 13.77
C311 POV C . -13.60 -13.34 13.11
C312 POV C . -12.59 -13.94 12.10
C313 POV C . -11.81 -14.41 11.32
C31 POV C . -18.89 -6.43 13.42
O31 POV C . -19.43 -5.33 13.73
C32 POV C . -17.79 -6.47 12.35
O32 POV C . -19.25 -7.49 14.00
C33 POV C . -16.46 -5.94 12.94
C34 POV C . -16.18 -6.62 14.30
C35 POV C . -15.93 -8.13 14.10
C36 POV C . -14.92 -8.34 12.94
C37 POV C . -15.39 -9.53 12.06
C38 POV C . -14.94 -10.86 12.71
C39 POV C . -13.42 -10.81 12.97
C310 POV D . -13.39 -13.10 18.48
C311 POV D . -14.19 -14.37 18.83
C312 POV D . -14.07 -15.39 17.68
C313 POV D . -13.97 -16.18 16.80
C31 POV D . -19.35 -3.89 19.11
O31 POV D . -20.36 -4.21 18.40
C32 POV D . -18.08 -4.75 19.04
O32 POV D . -19.40 -2.87 19.85
C33 POV D . -18.43 -6.18 18.58
C34 POV D . -17.16 -6.86 18.00
C35 POV D . -17.44 -8.36 17.73
C36 POV D . -16.55 -9.23 18.64
C37 POV D . -16.34 -10.62 17.98
C38 POV D . -15.25 -11.40 18.76
C39 POV D . -14.30 -12.09 17.74
C1 EIC E . -15.20 -3.34 9.00
C2 EIC E . -13.67 -3.37 8.93
C3 EIC E . -13.16 -4.31 7.85
C4 EIC E . -12.09 -3.65 6.97
C5 EIC E . -10.93 -4.59 6.64
C6 EIC E . -10.11 -4.03 5.48
C7 EIC E . -8.75 -4.72 5.31
C8 EIC E . -8.63 -6.07 5.98
C9 EIC E . -7.18 -6.55 6.01
C10 EIC E . -6.97 -7.83 6.80
C11 EIC E . -5.85 -8.68 6.23
C12 EIC E . -4.97 -9.30 7.32
C13 EIC E . -5.76 -10.28 8.20
C14 EIC E . -5.29 -11.71 8.02
C15 EIC E . -6.01 -12.68 8.97
C16 EIC E . -7.52 -12.45 8.97
C17 EIC E . -8.28 -13.65 9.53
C18 EIC E . -8.42 -14.79 8.51
O1 EIC E . -15.79 -3.85 9.98
O2 EIC E . -15.86 -2.82 8.07
C1 ACD F . -13.22 1.31 -22.89
C2 ACD F . -14.45 2.01 -22.31
C3 ACD F . -15.74 1.25 -22.60
C4 ACD F . -16.96 1.89 -21.95
C5 ACD F . -16.86 1.93 -20.43
C6 ACD F . -17.85 0.98 -19.76
C7 ACD F . -17.25 0.30 -18.53
C8 ACD F . -16.75 -1.11 -18.83
C9 ACD F . -15.52 -1.47 -17.99
C10 ACD F . -14.81 -2.72 -18.51
C11 ACD F . -14.17 -3.51 -17.37
C12 ACD F . -12.66 -3.27 -17.28
C13 ACD F . -11.87 -4.57 -17.17
C14 ACD F . -11.56 -4.93 -15.72
C15 ACD F . -12.52 -5.98 -15.17
C16 ACD F . -11.81 -7.01 -14.29
C17 ACD F . -10.83 -6.36 -13.33
C18 ACD F . -10.13 -7.38 -12.44
C19 ACD F . -9.19 -6.72 -11.43
C20 ACD F . -9.92 -6.23 -10.19
O1 ACD F . -13.10 0.07 -22.82
O2 ACD F . -12.32 2.00 -23.45
C10 D21 G . 1.44 -10.81 -18.18
C11 D21 G . 2.39 -9.63 -18.07
C12 D21 G . 3.63 -9.79 -18.93
C13 D21 G . 4.26 -11.17 -18.81
C14 D21 G . 5.54 -11.30 -19.63
C15 D21 G . 5.28 -11.84 -21.04
C16 D21 G . 5.45 -13.35 -21.12
O17 D21 G . 4.59 -14.02 -21.56
O18 D21 G . 6.64 -13.94 -20.67
C19 D21 G . 6.92 -15.17 -21.28
C20 D21 G . 8.12 -15.01 -22.20
C21 D21 G . 9.33 -15.71 -21.59
O22 D21 G . 9.07 -17.08 -21.58
P23 D21 G . 9.94 -18.05 -22.59
O24 D21 G . 9.40 -17.94 -24.00
O25 D21 G . 9.85 -19.48 -22.13
O26 D21 G . 11.39 -17.61 -22.58
O30 D21 G . 8.41 -13.65 -22.36
C31 D21 G . 8.68 -13.29 -23.69
O32 D21 G . 8.34 -13.99 -24.58
C33 D21 G . 9.42 -11.99 -23.99
C34 D21 G . 8.66 -11.09 -24.97
C35 D21 G . 8.69 -9.63 -24.56
C36 D21 G . 8.81 -9.44 -23.05
C37 D21 G . 7.62 -8.69 -22.46
C38 D21 G . 7.94 -8.06 -21.11
C39 D21 G . 9.00 -6.97 -21.21
C40 D21 G . 8.57 -5.67 -20.54
C41 D21 G . 7.69 -5.91 -19.32
C42 D21 G . 8.50 -5.90 -18.02
C43 D21 G . 8.63 -4.51 -17.42
C44 D21 G . 7.37 -3.66 -17.64
C45 D21 G . 7.54 -2.24 -17.08
C310 POV H . -12.45 -18.25 2.14
C311 POV H . -13.97 -18.38 1.85
C312 POV H . -14.72 -18.73 3.15
C313 POV H . -15.29 -18.98 4.18
C31 POV H . -6.16 -25.59 3.25
O31 POV H . -4.96 -25.25 3.13
C32 POV H . -7.27 -24.53 3.16
O32 POV H . -6.46 -26.80 3.45
C33 POV H . -6.63 -23.11 3.18
C34 POV H . -7.68 -22.07 2.71
C35 POV H . -7.44 -21.74 1.21
C36 POV H . -8.26 -20.48 0.84
C37 POV H . -9.75 -20.71 1.16
C38 POV H . -10.28 -19.54 2.03
C39 POV H . -11.81 -19.67 2.20
C310 POV I . -10.88 -20.05 -4.13
C311 POV I . -10.96 -18.62 -4.73
C312 POV I . -12.37 -18.40 -5.32
C313 POV I . -13.47 -18.23 -5.75
C31 POV I . -8.77 -27.08 -11.52
O31 POV I . -9.84 -27.55 -12.00
C32 POV I . -8.76 -25.70 -10.85
O32 POV I . -7.70 -27.75 -11.61
C33 POV I . -9.00 -25.86 -9.33
C34 POV I . -8.43 -24.63 -8.59
C35 POV I . -9.29 -24.30 -7.35
C36 POV I . -8.52 -23.30 -6.45
C37 POV I . -9.54 -22.43 -5.66
C38 POV I . -8.91 -21.03 -5.40
C39 POV I . -9.39 -20.48 -4.03
C310 POV J . 34.88 0.85 -12.16
C311 POV J . 34.24 1.63 -13.33
C312 POV J . 35.22 1.63 -14.55
C313 POV J . 35.97 1.65 -15.49
C31 POV J . 28.39 2.80 -5.84
O31 POV J . 27.38 3.15 -6.51
C32 POV J . 29.34 1.73 -6.39
O32 POV J . 28.62 3.34 -4.72
C33 POV J . 30.09 2.27 -7.64
C34 POV J . 31.39 1.47 -7.86
C35 POV J . 32.58 2.45 -8.03
C36 POV J . 33.11 2.37 -9.48
C37 POV J . 34.41 3.20 -9.61
C38 POV J . 34.95 3.13 -11.07
C39 POV J . 35.73 1.80 -11.29
C310 POV K . 20.04 2.96 -10.06
C311 POV K . 21.09 3.91 -10.69
C312 POV K . 20.81 5.36 -10.24
C313 POV K . 20.60 6.48 -9.87
C31 POV K . 28.29 -2.84 -11.93
O31 POV K . 28.32 -3.00 -13.18
C32 POV K . 26.98 -2.44 -11.23
O32 POV K . 29.34 -3.01 -11.25
C33 POV K . 26.89 -0.89 -11.14
C34 POV K . 25.43 -0.48 -10.82
C35 POV K . 25.42 0.97 -10.29
C36 POV K . 23.98 1.54 -10.42
C37 POV K . 23.00 0.67 -9.61
C38 POV K . 21.86 1.57 -9.03
C39 POV K . 20.63 1.54 -9.97
K K L . -2.96 4.41 0.49
K K M . 0.45 -0.73 -0.11
C310 POV N . -12.79 -33.65 8.52
C311 POV N . -13.14 -32.96 9.86
C312 POV N . -13.40 -34.03 10.94
C313 POV N . -13.60 -34.86 11.80
C31 POV N . -12.77 -26.01 3.26
O31 POV N . -12.63 -25.07 4.08
C32 POV N . -12.08 -27.37 3.54
O32 POV N . -13.46 -25.85 2.22
C33 POV N . -12.73 -28.03 4.78
C34 POV N . -12.48 -29.56 4.73
C35 POV N . -13.81 -30.32 4.94
C36 POV N . -13.79 -31.06 6.30
C37 POV N . -15.04 -31.97 6.42
C38 POV N . -15.03 -32.71 7.78
C39 POV N . -14.09 -33.95 7.72
C310 POV O . -9.27 -18.92 8.30
C311 POV O . -10.48 -19.64 8.95
C312 POV O . -11.76 -18.79 8.75
C313 POV O . -12.74 -18.13 8.59
C31 POV O . -6.91 -28.91 8.39
O31 POV O . -6.65 -29.18 9.60
C32 POV O . -6.85 -27.45 7.91
O32 POV O . -7.22 -29.83 7.59
C33 POV O . -8.25 -26.80 8.05
C34 POV O . -8.10 -25.26 7.95
C35 POV O . -9.48 -24.62 7.65
C36 POV O . -9.46 -23.12 8.02
C37 POV O . -8.36 -22.40 7.19
C38 POV O . -8.81 -20.96 6.87
C39 POV O . -8.20 -19.98 7.91
C310 POV P . 14.61 9.72 -14.02
C311 POV P . 16.07 9.71 -13.50
C312 POV P . 16.33 8.40 -12.70
C313 POV P . 16.55 7.40 -12.08
C31 POV P . 11.70 17.14 -12.20
O31 POV P . 10.87 18.08 -12.28
C32 POV P . 11.44 15.95 -11.27
O32 POV P . 12.76 17.17 -12.90
C33 POV P . 10.39 15.00 -11.90
C34 POV P . 10.75 14.71 -13.38
C35 POV P . 12.08 13.89 -13.44
C36 POV P . 12.00 12.71 -12.44
C37 POV P . 13.36 12.59 -11.70
C38 POV P . 14.35 11.79 -12.58
C39 POV P . 13.69 10.44 -13.00
C310 POV Q . 15.21 10.42 -18.77
C311 POV Q . 16.66 10.75 -19.23
C312 POV Q . 17.67 10.09 -18.26
C313 POV Q . 18.44 9.58 -17.52
C31 POV Q . 8.98 19.36 -17.35
O31 POV Q . 9.73 20.06 -16.62
C32 POV Q . 9.28 17.87 -17.56
O32 POV Q . 7.98 19.89 -17.93
C33 POV Q . 10.78 17.60 -17.28
C34 POV Q . 10.98 16.10 -16.95
C35 POV Q . 12.49 15.77 -16.88
C36 POV Q . 12.86 14.77 -18.01
C37 POV Q . 14.12 13.97 -17.59
C38 POV Q . 14.34 12.79 -18.58
C39 POV Q . 14.72 11.52 -17.78
C1 EIC R . 7.91 14.19 -7.77
C2 EIC R . 7.36 12.78 -7.87
C3 EIC R . 8.14 11.79 -7.00
C4 EIC R . 7.22 10.92 -6.16
C5 EIC R . 7.66 9.46 -6.08
C6 EIC R . 6.96 8.73 -4.95
C7 EIC R . 7.08 7.20 -5.02
C8 EIC R . 8.22 6.70 -5.91
C9 EIC R . 8.10 5.20 -6.14
C10 EIC R . 9.12 4.67 -7.16
C11 EIC R . 9.53 3.23 -6.83
C12 EIC R . 9.66 2.37 -8.10
C13 EIC R . 10.75 2.87 -9.02
C14 EIC R . 11.92 1.89 -9.11
C15 EIC R . 12.98 2.35 -10.12
C16 EIC R . 13.35 3.81 -9.93
C17 EIC R . 14.69 4.16 -10.57
C18 EIC R . 15.88 3.72 -9.74
O1 EIC R . 8.51 14.71 -8.76
O2 EIC R . 7.78 14.85 -6.70
C1 ACD S . 6.13 9.18 24.08
C2 ACD S . 5.90 10.65 23.73
C3 ACD S . 7.12 11.51 24.05
C4 ACD S . 6.94 12.97 23.63
C5 ACD S . 6.70 13.13 22.13
C6 ACD S . 7.88 13.79 21.42
C7 ACD S . 8.16 13.18 20.05
C8 ACD S . 9.30 12.16 20.08
C9 ACD S . 9.07 11.03 19.08
C10 ACD S . 10.01 9.84 19.31
C11 ACD S . 10.37 9.14 18.01
C12 ACD S . 9.55 7.86 17.80
C13 ACD S . 10.43 6.68 17.41
C14 ACD S . 10.51 6.48 15.91
C15 ACD S . 11.78 7.07 15.30
C16 ACD S . 12.36 6.17 14.22
C17 ACD S . 11.29 5.66 13.25
C18 ACD S . 11.88 4.78 12.16
C19 ACD S . 10.81 4.30 11.17
C20 ACD S . 10.51 5.35 10.10
O1 ACD S . 7.23 8.62 23.81
O2 ACD S . 5.22 8.53 24.64
C10 D21 T . 11.19 -7.99 16.08
C11 D21 T . 9.72 -8.41 16.04
C12 D21 T . 9.48 -9.74 16.75
C13 D21 T . 10.50 -10.80 16.35
C14 D21 T . 10.21 -12.15 17.00
C15 D21 T . 10.95 -12.32 18.32
C16 D21 T . 12.28 -13.04 18.17
O17 D21 T . 13.28 -12.56 18.59
O18 D21 T . 12.32 -14.28 17.51
C19 D21 T . 13.41 -15.08 17.90
C20 D21 T . 12.89 -16.27 18.70
C21 D21 T . 13.02 -17.54 17.85
O22 D21 T . 14.38 -17.80 17.68
P23 D21 T . 15.04 -19.12 18.43
O24 D21 T . 15.29 -18.78 19.88
O25 D21 T . 16.34 -19.49 17.76
O26 D21 T . 14.08 -20.28 18.34
O30 D21 T . 11.55 -16.06 19.03
C31 D21 T . 11.26 -16.38 20.37
O32 D21 T . 12.13 -16.46 21.17
C33 D21 T . 9.80 -16.64 20.79
C34 D21 T . 9.38 -15.76 21.95
C35 D21 T . 7.97 -15.18 21.77
C36 D21 T . 7.60 -15.00 20.30
C37 D21 T . 7.31 -13.54 19.97
C38 D21 T . 6.47 -13.39 18.71
C39 D21 T . 5.08 -13.99 18.86
C40 D21 T . 3.98 -13.01 18.45
C41 D21 T . 4.41 -12.11 17.29
C42 D21 T . 3.96 -12.64 15.93
C43 D21 T . 2.57 -12.16 15.55
C44 D21 T . 2.30 -10.74 16.02
C45 D21 T . 0.87 -10.29 15.66
C310 POV U . 21.26 5.18 -3.58
C311 POV U . 21.98 6.48 -3.16
C312 POV U . 22.46 7.25 -4.42
C313 POV U . 22.81 7.83 -5.41
C31 POV U . 25.48 -3.10 -6.44
O31 POV U . 24.73 -4.11 -6.40
C32 POV U . 24.93 -1.71 -6.09
O32 POV U . 26.68 -3.24 -6.79
C33 POV U . 23.40 -1.77 -5.96
C34 POV U . 22.88 -0.51 -5.23
C35 POV U . 22.64 -0.84 -3.73
C36 POV U . 21.83 0.31 -3.08
C37 POV U . 22.58 1.66 -3.28
C38 POV U . 21.62 2.70 -3.89
C39 POV U . 22.31 4.09 -3.93
C310 POV V . 22.95 2.11 2.14
C311 POV V . 21.74 2.62 2.96
C312 POV V . 22.13 3.91 3.70
C313 POV V . 22.44 4.91 4.28
C31 POV V . 29.35 -3.53 8.11
O31 POV V . 30.25 -2.79 8.62
C32 POV V . 28.01 -2.93 7.67
O32 POV V . 29.57 -4.77 7.99
C33 POV V . 28.10 -2.53 6.17
C34 POV V . 26.67 -2.49 5.57
C35 POV V . 26.57 -1.38 4.50
C36 POV V . 25.27 -1.59 3.67
C37 POV V . 24.78 -0.22 3.13
C38 POV V . 23.22 -0.25 3.03
C39 POV V . 22.77 0.61 1.82
K K W . -4.58 7.09 0.79
K K X . -1.38 2.14 0.21
#